data_6D8Z
#
_entry.id   6D8Z
#
_cell.length_a   59.181
_cell.length_b   95.787
_cell.length_c   182.431
_cell.angle_alpha   90.00
_cell.angle_beta   90.00
_cell.angle_gamma   90.00
#
_symmetry.space_group_name_H-M   'P 21 21 21'
#
loop_
_entity.id
_entity.type
_entity.pdbx_description
1 polymer 'Triple functional domain protein'
2 water water
#
_entity_poly.entity_id   1
_entity_poly.type   'polypeptide(L)'
_entity_poly.pdbx_seq_one_letter_code
;GEFEERKSSSLKRRHYVLQELVETERDYVRDLGYVVEGYMALMKEDGVPDDMKGKDKIVFGNIHQIYDWHRDFFLGELEK
CLEDPEKLGSLFVKHERRLHMYIAYCQNKPKSEHIVSEYIDTFFEDLKQRLGHRLQLTDLLIKPVQRIMKYQLLLKDFLK
YSKKASLDTSELERAVEVMCIVPRRCNDMMNVGRLQGFDGKIVAQGKLLLQDTFLVTDQDAGLLPRCRERRIFLFEQIVI
FSEPLDKKKGFSMPGFLFKNSIKVSCLCLEENVENDPCKFALTSRTGDVVETFILHSSSPSVRQTWIHEINQILENQRN
;
_entity_poly.pdbx_strand_id   A,B,C
#
# COMPACT_ATOMS: atom_id res chain seq x y z
N LEU A 11 -18.45 24.94 2.43
CA LEU A 11 -19.46 24.22 1.61
C LEU A 11 -18.87 23.70 0.28
N LYS A 12 -17.87 24.41 -0.24
CA LYS A 12 -17.17 24.04 -1.49
C LYS A 12 -16.38 22.73 -1.35
N ARG A 13 -15.72 22.56 -0.21
CA ARG A 13 -14.94 21.35 0.10
C ARG A 13 -15.86 20.16 0.42
N ARG A 14 -17.07 20.47 0.89
CA ARG A 14 -18.10 19.48 1.22
C ARG A 14 -18.65 18.77 -0.03
N HIS A 15 -18.75 19.53 -1.13
CA HIS A 15 -19.17 18.99 -2.42
C HIS A 15 -18.06 18.16 -3.07
N TYR A 16 -16.81 18.58 -2.86
CA TYR A 16 -15.61 17.90 -3.36
C TYR A 16 -15.48 16.47 -2.82
N VAL A 17 -15.77 16.30 -1.54
CA VAL A 17 -15.69 15.00 -0.86
C VAL A 17 -16.79 14.05 -1.34
N LEU A 18 -18.02 14.58 -1.47
CA LEU A 18 -19.16 13.84 -2.01
C LEU A 18 -18.95 13.45 -3.48
N GLN A 19 -18.35 14.37 -4.25
CA GLN A 19 -17.97 14.12 -5.65
C GLN A 19 -16.96 12.97 -5.77
N GLU A 20 -15.96 12.97 -4.89
CA GLU A 20 -14.96 11.92 -4.84
C GLU A 20 -15.55 10.56 -4.46
N LEU A 21 -16.50 10.56 -3.52
CA LEU A 21 -17.15 9.35 -3.03
C LEU A 21 -17.93 8.59 -4.10
N VAL A 22 -18.66 9.35 -4.93
CA VAL A 22 -19.45 8.81 -6.04
C VAL A 22 -18.54 8.30 -7.16
N GLU A 23 -17.60 9.13 -7.60
CA GLU A 23 -16.66 8.79 -8.68
C GLU A 23 -15.80 7.54 -8.37
N THR A 24 -15.39 7.38 -7.11
CA THR A 24 -14.65 6.19 -6.68
C THR A 24 -15.55 4.96 -6.45
N GLU A 25 -16.86 5.19 -6.33
CA GLU A 25 -17.85 4.11 -6.24
C GLU A 25 -18.00 3.39 -7.59
N ARG A 26 -18.09 4.19 -8.66
CA ARG A 26 -18.04 3.68 -10.04
C ARG A 26 -16.79 2.82 -10.26
N ASP A 27 -15.64 3.35 -9.82
CA ASP A 27 -14.35 2.64 -9.86
C ASP A 27 -14.36 1.37 -9.01
N TYR A 28 -15.05 1.41 -7.88
CA TYR A 28 -15.17 0.26 -6.99
C TYR A 28 -15.96 -0.90 -7.61
N VAL A 29 -17.06 -0.57 -8.31
CA VAL A 29 -17.89 -1.57 -8.97
C VAL A 29 -17.10 -2.23 -10.12
N ARG A 30 -16.40 -1.41 -10.91
CA ARG A 30 -15.54 -1.90 -11.99
C ARG A 30 -14.42 -2.82 -11.49
N ASP A 31 -13.80 -2.42 -10.38
CA ASP A 31 -12.68 -3.17 -9.79
C ASP A 31 -13.13 -4.53 -9.28
N LEU A 32 -14.26 -4.54 -8.56
CA LEU A 32 -14.91 -5.78 -8.13
C LEU A 32 -15.30 -6.63 -9.34
N GLY A 33 -15.76 -5.96 -10.40
CA GLY A 33 -16.06 -6.60 -11.68
C GLY A 33 -14.88 -7.31 -12.34
N TYR A 34 -13.66 -6.81 -12.12
CA TYR A 34 -12.44 -7.48 -12.60
C TYR A 34 -12.27 -8.83 -11.92
N VAL A 35 -12.72 -8.94 -10.66
CA VAL A 35 -12.71 -10.19 -9.91
C VAL A 35 -13.89 -11.08 -10.36
N VAL A 36 -15.10 -10.54 -10.32
CA VAL A 36 -16.32 -11.34 -10.52
C VAL A 36 -16.49 -11.81 -11.96
N GLU A 37 -16.45 -10.87 -12.90
CA GLU A 37 -16.64 -11.21 -14.30
C GLU A 37 -15.35 -11.23 -15.12
N GLY A 38 -14.23 -11.35 -14.41
CA GLY A 38 -12.90 -11.52 -15.00
C GLY A 38 -12.30 -12.84 -14.54
N TYR A 39 -11.91 -12.90 -13.27
CA TYR A 39 -11.31 -14.10 -12.68
C TYR A 39 -12.30 -15.24 -12.48
N MET A 40 -13.37 -14.98 -11.72
CA MET A 40 -14.38 -15.99 -11.37
C MET A 40 -15.09 -16.63 -12.57
N ALA A 41 -15.48 -15.82 -13.56
CA ALA A 41 -16.14 -16.30 -14.78
C ALA A 41 -15.27 -17.25 -15.62
N LEU A 42 -14.00 -16.87 -15.83
CA LEU A 42 -13.03 -17.70 -16.57
C LEU A 42 -12.66 -19.00 -15.83
N MET A 43 -12.59 -18.93 -14.51
CA MET A 43 -12.34 -20.10 -13.68
C MET A 43 -13.53 -21.06 -13.67
N LYS A 44 -14.74 -20.51 -13.81
CA LYS A 44 -15.97 -21.29 -13.91
C LYS A 44 -16.14 -21.90 -15.30
N GLU A 45 -15.66 -21.17 -16.33
CA GLU A 45 -15.70 -21.64 -17.72
C GLU A 45 -14.63 -22.67 -18.04
N ASP A 46 -13.36 -22.31 -17.80
CA ASP A 46 -12.20 -23.10 -18.24
C ASP A 46 -11.60 -24.04 -17.20
N GLY A 47 -12.04 -23.91 -15.95
CA GLY A 47 -11.58 -24.78 -14.86
C GLY A 47 -10.40 -24.23 -14.09
N VAL A 48 -9.92 -25.03 -13.14
CA VAL A 48 -8.82 -24.67 -12.24
C VAL A 48 -7.68 -25.71 -12.33
N PRO A 49 -6.51 -25.47 -11.67
CA PRO A 49 -5.53 -26.56 -11.58
C PRO A 49 -6.03 -27.74 -10.75
N ASP A 50 -5.39 -28.89 -10.90
CA ASP A 50 -5.77 -30.13 -10.20
C ASP A 50 -5.88 -29.98 -8.67
N ASP A 51 -4.87 -29.35 -8.06
CA ASP A 51 -4.79 -29.25 -6.60
C ASP A 51 -5.57 -28.06 -5.99
N MET A 52 -6.36 -27.39 -6.82
CA MET A 52 -7.15 -26.21 -6.43
C MET A 52 -8.67 -26.42 -6.51
N LYS A 53 -9.09 -27.62 -6.91
CA LYS A 53 -10.50 -27.98 -7.10
C LYS A 53 -11.32 -27.79 -5.82
N GLY A 54 -12.37 -26.97 -5.91
CA GLY A 54 -13.25 -26.64 -4.78
C GLY A 54 -12.75 -25.54 -3.85
N LYS A 55 -11.46 -25.20 -3.97
CA LYS A 55 -10.80 -24.23 -3.08
C LYS A 55 -10.97 -22.78 -3.54
N ASP A 56 -11.67 -22.58 -4.66
CA ASP A 56 -11.92 -21.23 -5.19
C ASP A 56 -13.02 -20.48 -4.42
N LYS A 57 -13.90 -21.21 -3.76
CA LYS A 57 -14.90 -20.62 -2.86
C LYS A 57 -14.25 -19.88 -1.69
N ILE A 58 -13.13 -20.42 -1.20
CA ILE A 58 -12.30 -19.79 -0.17
C ILE A 58 -11.61 -18.51 -0.72
N VAL A 59 -10.97 -18.64 -1.89
CA VAL A 59 -10.25 -17.52 -2.54
C VAL A 59 -11.06 -16.22 -2.63
N PHE A 60 -12.31 -16.33 -3.06
CA PHE A 60 -13.13 -15.14 -3.34
C PHE A 60 -14.03 -14.73 -2.19
N GLY A 61 -14.29 -15.65 -1.26
CA GLY A 61 -15.22 -15.42 -0.16
C GLY A 61 -16.60 -15.09 -0.66
N ASN A 62 -17.14 -13.95 -0.22
CA ASN A 62 -18.45 -13.47 -0.64
C ASN A 62 -18.34 -12.18 -1.47
N ILE A 63 -17.30 -12.09 -2.29
CA ILE A 63 -17.08 -10.93 -3.16
C ILE A 63 -18.20 -10.72 -4.21
N HIS A 64 -18.77 -11.82 -4.72
CA HIS A 64 -19.87 -11.79 -5.69
C HIS A 64 -21.13 -11.14 -5.11
N GLN A 65 -21.41 -11.46 -3.84
CA GLN A 65 -22.54 -10.89 -3.11
C GLN A 65 -22.34 -9.39 -2.84
N ILE A 66 -21.11 -9.01 -2.49
CA ILE A 66 -20.73 -7.60 -2.31
C ILE A 66 -20.88 -6.83 -3.63
N TYR A 67 -20.31 -7.40 -4.70
CA TYR A 67 -20.40 -6.84 -6.05
C TYR A 67 -21.83 -6.59 -6.49
N ASP A 68 -22.67 -7.62 -6.34
CA ASP A 68 -24.09 -7.54 -6.69
C ASP A 68 -24.75 -6.34 -6.06
N TRP A 69 -24.53 -6.15 -4.75
CA TRP A 69 -25.19 -5.10 -3.97
C TRP A 69 -24.74 -3.68 -4.34
N HIS A 70 -23.44 -3.50 -4.57
CA HIS A 70 -22.91 -2.21 -5.01
C HIS A 70 -23.27 -1.87 -6.46
N ARG A 71 -23.33 -2.89 -7.32
CA ARG A 71 -23.68 -2.71 -8.74
C ARG A 71 -25.20 -2.46 -8.95
N ASP A 72 -26.03 -3.32 -8.38
CA ASP A 72 -27.48 -3.30 -8.62
C ASP A 72 -28.26 -2.34 -7.73
N PHE A 73 -27.64 -1.87 -6.64
CA PHE A 73 -28.34 -1.05 -5.64
C PHE A 73 -27.59 0.19 -5.13
N PHE A 74 -26.44 -0.02 -4.50
CA PHE A 74 -25.81 1.04 -3.68
C PHE A 74 -25.14 2.19 -4.44
N LEU A 75 -24.58 1.91 -5.62
CA LEU A 75 -23.99 2.96 -6.48
C LEU A 75 -25.04 3.97 -6.93
N GLY A 76 -26.21 3.46 -7.32
CA GLY A 76 -27.36 4.28 -7.70
C GLY A 76 -27.89 5.12 -6.55
N GLU A 77 -27.88 4.53 -5.35
CA GLU A 77 -28.27 5.23 -4.12
C GLU A 77 -27.35 6.41 -3.81
N LEU A 78 -26.04 6.22 -4.03
CA LEU A 78 -25.05 7.28 -3.86
C LEU A 78 -25.05 8.34 -4.97
N GLU A 79 -25.46 7.95 -6.17
CA GLU A 79 -25.59 8.89 -7.29
C GLU A 79 -26.77 9.86 -7.14
N LYS A 80 -27.76 9.46 -6.34
CA LYS A 80 -28.90 10.31 -5.98
C LYS A 80 -28.50 11.41 -4.98
N CYS A 81 -27.42 11.18 -4.25
CA CYS A 81 -26.89 12.12 -3.25
C CYS A 81 -26.19 13.34 -3.86
N LEU A 82 -25.79 13.26 -5.13
CA LEU A 82 -25.17 14.37 -5.85
C LEU A 82 -26.06 15.61 -5.92
N GLU A 83 -27.36 15.39 -6.13
CA GLU A 83 -28.35 16.47 -6.16
C GLU A 83 -29.14 16.62 -4.84
N ASP A 84 -29.00 15.63 -3.95
CA ASP A 84 -29.62 15.66 -2.62
C ASP A 84 -28.65 15.14 -1.53
N PRO A 85 -27.74 16.02 -1.04
CA PRO A 85 -26.67 15.63 -0.11
C PRO A 85 -27.13 15.19 1.30
N GLU A 86 -28.34 15.60 1.69
CA GLU A 86 -28.92 15.25 3.00
C GLU A 86 -29.23 13.76 3.16
N LYS A 87 -29.39 13.06 2.03
CA LYS A 87 -29.66 11.63 1.98
C LYS A 87 -28.48 10.77 2.45
N LEU A 88 -27.25 11.31 2.29
CA LEU A 88 -26.01 10.59 2.55
C LEU A 88 -25.90 10.02 3.97
N GLY A 89 -26.27 10.83 4.97
CA GLY A 89 -26.29 10.40 6.37
C GLY A 89 -27.26 9.26 6.61
N SER A 90 -28.45 9.38 6.02
CA SER A 90 -29.50 8.36 6.12
C SER A 90 -29.11 7.02 5.50
N LEU A 91 -28.38 7.08 4.38
CA LEU A 91 -28.00 5.90 3.61
C LEU A 91 -27.14 4.88 4.37
N PHE A 92 -26.15 5.37 5.11
CA PHE A 92 -25.22 4.52 5.84
C PHE A 92 -25.82 3.94 7.12
N VAL A 93 -26.83 4.61 7.66
CA VAL A 93 -27.59 4.13 8.83
C VAL A 93 -28.58 3.03 8.39
N LYS A 94 -29.34 3.32 7.33
CA LYS A 94 -30.37 2.42 6.78
C LYS A 94 -29.78 1.06 6.38
N HIS A 95 -28.64 1.07 5.71
CA HIS A 95 -28.00 -0.14 5.19
C HIS A 95 -26.78 -0.56 6.01
N GLU A 96 -26.88 -0.38 7.34
CA GLU A 96 -25.84 -0.80 8.29
C GLU A 96 -25.59 -2.30 8.24
N ARG A 97 -26.68 -3.08 8.20
CA ARG A 97 -26.62 -4.55 8.19
C ARG A 97 -26.09 -5.12 6.87
N ARG A 98 -26.37 -4.43 5.77
CA ARG A 98 -25.81 -4.78 4.46
C ARG A 98 -24.30 -4.57 4.42
N LEU A 99 -23.80 -3.67 5.29
CA LEU A 99 -22.36 -3.44 5.39
C LEU A 99 -21.65 -4.48 6.26
N HIS A 100 -22.41 -5.36 6.91
CA HIS A 100 -21.84 -6.47 7.68
C HIS A 100 -21.27 -7.60 6.80
N MET A 101 -21.56 -7.56 5.50
CA MET A 101 -20.96 -8.48 4.50
C MET A 101 -19.44 -8.44 4.56
N TYR A 102 -18.92 -7.22 4.74
CA TYR A 102 -17.50 -6.94 4.84
C TYR A 102 -16.81 -7.67 6.00
N ILE A 103 -17.56 -7.86 7.10
CA ILE A 103 -17.06 -8.61 8.26
C ILE A 103 -16.78 -10.06 7.83
N ALA A 104 -17.77 -10.71 7.22
CA ALA A 104 -17.60 -12.06 6.67
C ALA A 104 -16.45 -12.13 5.66
N TYR A 105 -16.31 -11.10 4.82
CA TYR A 105 -15.21 -11.02 3.85
C TYR A 105 -13.85 -10.99 4.53
N CYS A 106 -13.70 -10.09 5.51
CA CYS A 106 -12.45 -9.90 6.22
C CYS A 106 -12.07 -11.11 7.08
N GLN A 107 -13.07 -11.78 7.64
CA GLN A 107 -12.90 -13.01 8.42
C GLN A 107 -12.26 -14.12 7.56
N ASN A 108 -12.69 -14.20 6.30
CA ASN A 108 -12.22 -15.23 5.37
C ASN A 108 -10.89 -14.86 4.73
N LYS A 109 -10.62 -13.55 4.65
CA LYS A 109 -9.43 -12.98 3.99
C LYS A 109 -8.07 -13.68 4.27
N PRO A 110 -7.73 -14.00 5.53
CA PRO A 110 -6.44 -14.71 5.71
C PRO A 110 -6.39 -16.09 5.04
N LYS A 111 -7.49 -16.83 5.08
CA LYS A 111 -7.60 -18.12 4.37
C LYS A 111 -7.50 -17.95 2.85
N SER A 112 -8.09 -16.88 2.33
CA SER A 112 -8.00 -16.49 0.91
C SER A 112 -6.55 -16.20 0.49
N GLU A 113 -5.84 -15.42 1.30
CA GLU A 113 -4.46 -15.02 1.02
C GLU A 113 -3.48 -16.19 0.89
N HIS A 114 -3.73 -17.24 1.66
CA HIS A 114 -2.87 -18.43 1.65
C HIS A 114 -2.89 -19.17 0.31
N ILE A 115 -4.08 -19.44 -0.21
CA ILE A 115 -4.23 -20.12 -1.51
C ILE A 115 -3.69 -19.27 -2.68
N VAL A 116 -4.09 -17.99 -2.72
CA VAL A 116 -3.63 -17.03 -3.75
C VAL A 116 -2.08 -16.94 -3.84
N SER A 117 -1.40 -16.90 -2.70
CA SER A 117 0.06 -16.80 -2.65
C SER A 117 0.80 -18.02 -3.23
N GLU A 118 0.11 -19.16 -3.27
CA GLU A 118 0.65 -20.39 -3.85
C GLU A 118 0.51 -20.44 -5.38
N TYR A 119 -0.35 -19.58 -5.94
CA TYR A 119 -0.65 -19.59 -7.37
C TYR A 119 -0.51 -18.24 -8.09
N ILE A 120 -0.09 -17.21 -7.34
CA ILE A 120 0.02 -15.83 -7.84
C ILE A 120 0.95 -15.66 -9.06
N ASP A 121 2.06 -16.40 -9.07
CA ASP A 121 3.04 -16.32 -10.17
C ASP A 121 2.75 -17.29 -11.31
N THR A 122 1.91 -18.29 -11.04
CA THR A 122 1.59 -19.32 -12.03
C THR A 122 0.20 -19.10 -12.65
N PHE A 123 -0.81 -19.75 -12.07
CA PHE A 123 -2.19 -19.76 -12.60
C PHE A 123 -2.81 -18.35 -12.70
N PHE A 124 -2.72 -17.58 -11.61
CA PHE A 124 -3.35 -16.25 -11.56
C PHE A 124 -2.64 -15.20 -12.40
N GLU A 125 -1.34 -15.38 -12.59
CA GLU A 125 -0.54 -14.52 -13.48
C GLU A 125 -0.95 -14.73 -14.93
N ASP A 126 -1.13 -15.99 -15.33
CA ASP A 126 -1.65 -16.34 -16.65
C ASP A 126 -3.00 -15.66 -16.90
N LEU A 127 -3.88 -15.69 -15.91
CA LEU A 127 -5.18 -15.02 -15.97
C LEU A 127 -5.08 -13.49 -16.05
N LYS A 128 -4.18 -12.90 -15.25
CA LYS A 128 -3.90 -11.45 -15.31
C LYS A 128 -3.43 -11.00 -16.70
N GLN A 129 -2.56 -11.80 -17.32
CA GLN A 129 -2.04 -11.54 -18.67
C GLN A 129 -3.11 -11.61 -19.75
N ARG A 130 -4.00 -12.60 -19.64
CA ARG A 130 -5.14 -12.77 -20.55
C ARG A 130 -6.16 -11.62 -20.42
N LEU A 131 -6.50 -11.25 -19.19
CA LEU A 131 -7.45 -10.17 -18.90
C LEU A 131 -6.88 -8.76 -19.13
N GLY A 132 -5.55 -8.64 -19.10
CA GLY A 132 -4.84 -7.38 -19.31
C GLY A 132 -4.99 -6.34 -18.20
N HIS A 133 -5.19 -6.81 -16.97
CA HIS A 133 -5.31 -5.92 -15.80
C HIS A 133 -3.97 -5.28 -15.46
N ARG A 134 -4.05 -4.08 -14.89
CA ARG A 134 -2.89 -3.40 -14.33
C ARG A 134 -2.46 -4.06 -13.01
N LEU A 135 -3.46 -4.43 -12.19
CA LEU A 135 -3.22 -4.99 -10.86
C LEU A 135 -3.28 -6.52 -10.85
N GLN A 136 -2.52 -7.12 -9.94
CA GLN A 136 -2.61 -8.55 -9.65
C GLN A 136 -3.86 -8.86 -8.83
N LEU A 137 -4.19 -10.14 -8.69
CA LEU A 137 -5.36 -10.56 -7.92
C LEU A 137 -5.25 -10.19 -6.44
N THR A 138 -4.03 -10.27 -5.89
CA THR A 138 -3.70 -9.83 -4.52
C THR A 138 -4.21 -8.42 -4.26
N ASP A 139 -3.90 -7.50 -5.16
CA ASP A 139 -4.33 -6.09 -5.07
C ASP A 139 -5.83 -5.90 -5.29
N LEU A 140 -6.43 -6.73 -6.13
CA LEU A 140 -7.86 -6.64 -6.41
C LEU A 140 -8.71 -7.15 -5.25
N LEU A 141 -8.22 -8.18 -4.56
CA LEU A 141 -8.92 -8.78 -3.42
C LEU A 141 -8.84 -7.94 -2.13
N ILE A 142 -7.90 -6.98 -2.08
CA ILE A 142 -7.78 -6.01 -0.97
C ILE A 142 -8.83 -4.88 -1.12
N LYS A 143 -9.27 -4.63 -2.35
CA LYS A 143 -10.23 -3.56 -2.67
C LYS A 143 -11.49 -3.43 -1.76
N PRO A 144 -12.15 -4.57 -1.40
CA PRO A 144 -13.27 -4.42 -0.43
C PRO A 144 -12.85 -3.94 0.96
N VAL A 145 -11.64 -4.32 1.39
CA VAL A 145 -11.08 -3.87 2.67
C VAL A 145 -10.77 -2.37 2.58
N GLN A 146 -10.24 -1.95 1.44
CA GLN A 146 -9.91 -0.55 1.18
C GLN A 146 -11.16 0.34 1.17
N ARG A 147 -12.25 -0.16 0.58
CA ARG A 147 -13.47 0.61 0.40
C ARG A 147 -14.21 0.91 1.70
N ILE A 148 -14.25 -0.06 2.61
CA ILE A 148 -14.89 0.13 3.92
C ILE A 148 -14.14 1.18 4.76
N MET A 149 -12.81 1.22 4.59
CA MET A 149 -11.97 2.26 5.22
C MET A 149 -12.14 3.61 4.53
N LYS A 150 -12.33 3.58 3.21
CA LYS A 150 -12.53 4.79 2.40
C LYS A 150 -13.85 5.49 2.71
N TYR A 151 -14.87 4.72 3.08
CA TYR A 151 -16.15 5.27 3.56
C TYR A 151 -15.99 6.04 4.87
N GLN A 152 -15.15 5.51 5.76
CA GLN A 152 -14.83 6.13 7.05
C GLN A 152 -14.04 7.44 6.85
N LEU A 153 -13.05 7.41 5.97
CA LEU A 153 -12.21 8.58 5.65
C LEU A 153 -13.02 9.72 5.03
N LEU A 154 -13.91 9.39 4.11
CA LEU A 154 -14.69 10.40 3.39
C LEU A 154 -15.87 10.95 4.19
N LEU A 155 -16.61 10.08 4.88
CA LEU A 155 -17.73 10.51 5.74
C LEU A 155 -17.31 11.39 6.92
N LYS A 156 -16.13 11.14 7.47
CA LYS A 156 -15.53 11.98 8.50
C LYS A 156 -15.19 13.38 7.97
N ASP A 157 -14.70 13.42 6.73
CA ASP A 157 -14.43 14.68 6.03
C ASP A 157 -15.72 15.43 5.66
N PHE A 158 -16.72 14.68 5.21
CA PHE A 158 -18.04 15.23 4.90
C PHE A 158 -18.76 15.74 6.15
N LEU A 159 -18.53 15.07 7.29
CA LEU A 159 -19.04 15.54 8.59
C LEU A 159 -18.31 16.80 9.05
N LYS A 160 -16.99 16.83 8.84
CA LYS A 160 -16.13 17.97 9.20
C LYS A 160 -16.56 19.28 8.53
N TYR A 161 -16.82 19.23 7.22
CA TYR A 161 -17.23 20.41 6.46
C TYR A 161 -18.71 20.79 6.63
N SER A 162 -19.55 19.80 6.98
CA SER A 162 -20.95 20.04 7.35
C SER A 162 -21.07 20.74 8.70
N LYS A 163 -20.16 20.40 9.61
CA LYS A 163 -20.10 20.97 10.95
C LYS A 163 -19.62 22.43 10.92
N LYS A 164 -18.77 22.75 9.95
CA LYS A 164 -18.31 24.13 9.72
C LYS A 164 -19.36 24.98 8.99
N ALA A 165 -20.23 24.33 8.23
CA ALA A 165 -21.28 24.99 7.44
C ALA A 165 -22.59 25.28 8.23
N SER A 166 -22.57 24.97 9.53
CA SER A 166 -23.70 25.17 10.46
C SER A 166 -25.01 24.46 10.04
N LEU A 167 -24.85 23.26 9.48
CA LEU A 167 -25.98 22.45 9.03
C LEU A 167 -26.39 21.41 10.09
N ASP A 168 -27.54 20.78 9.88
CA ASP A 168 -28.02 19.67 10.70
C ASP A 168 -27.12 18.45 10.44
N THR A 169 -26.62 17.86 11.53
CA THR A 169 -25.60 16.80 11.46
C THR A 169 -25.98 15.50 12.21
N SER A 170 -27.13 15.51 12.88
CA SER A 170 -27.61 14.40 13.72
C SER A 170 -27.61 13.04 13.01
N GLU A 171 -28.15 13.01 11.79
CA GLU A 171 -28.20 11.80 10.97
C GLU A 171 -26.81 11.40 10.47
N LEU A 172 -25.98 12.40 10.17
CA LEU A 172 -24.63 12.21 9.65
C LEU A 172 -23.65 11.66 10.70
N GLU A 173 -23.84 12.09 11.95
CA GLU A 173 -23.04 11.59 13.09
C GLU A 173 -23.30 10.12 13.41
N ARG A 174 -24.57 9.70 13.28
CA ARG A 174 -24.97 8.29 13.41
C ARG A 174 -24.31 7.41 12.36
N ALA A 175 -24.20 7.93 11.14
CA ALA A 175 -23.56 7.26 10.02
C ALA A 175 -22.06 7.07 10.21
N VAL A 176 -21.42 8.08 10.80
CA VAL A 176 -19.99 8.07 11.11
C VAL A 176 -19.68 7.02 12.18
N GLU A 177 -20.56 6.90 13.17
CA GLU A 177 -20.43 5.91 14.24
C GLU A 177 -20.57 4.47 13.71
N VAL A 178 -21.46 4.28 12.74
CA VAL A 178 -21.59 3.01 12.00
C VAL A 178 -20.28 2.68 11.28
N MET A 179 -19.67 3.70 10.67
CA MET A 179 -18.39 3.55 9.98
C MET A 179 -17.15 3.55 10.89
N CYS A 180 -17.38 3.51 12.20
CA CYS A 180 -16.34 3.16 13.17
C CYS A 180 -16.43 1.67 13.46
N ILE A 181 -17.62 1.22 13.85
CA ILE A 181 -17.89 -0.12 14.38
C ILE A 181 -17.55 -1.23 13.37
N VAL A 182 -18.00 -1.05 12.13
CA VAL A 182 -17.84 -2.06 11.07
C VAL A 182 -16.36 -2.22 10.63
N PRO A 183 -15.65 -1.12 10.27
CA PRO A 183 -14.20 -1.24 10.00
C PRO A 183 -13.36 -1.82 11.14
N ARG A 184 -13.72 -1.53 12.39
CA ARG A 184 -12.97 -2.03 13.54
C ARG A 184 -13.18 -3.53 13.76
N ARG A 185 -14.43 -3.99 13.59
CA ARG A 185 -14.77 -5.42 13.62
C ARG A 185 -14.05 -6.17 12.48
N CYS A 186 -13.99 -5.53 11.31
CA CYS A 186 -13.24 -6.04 10.16
C CYS A 186 -11.77 -6.29 10.47
N ASN A 187 -11.11 -5.33 11.14
CA ASN A 187 -9.72 -5.49 11.57
C ASN A 187 -9.61 -6.59 12.61
N ASP A 188 -10.56 -6.58 13.56
CA ASP A 188 -10.60 -7.54 14.66
C ASP A 188 -10.70 -8.97 14.16
N MET A 189 -11.63 -9.22 13.25
CA MET A 189 -11.86 -10.55 12.69
C MET A 189 -10.72 -10.99 11.76
N MET A 190 -10.17 -10.04 11.01
CA MET A 190 -9.05 -10.33 10.11
C MET A 190 -7.81 -10.78 10.89
N ASN A 191 -7.47 -10.04 11.95
CA ASN A 191 -6.35 -10.39 12.81
C ASN A 191 -6.48 -11.80 13.41
N VAL A 192 -7.67 -12.11 13.92
CA VAL A 192 -7.99 -13.42 14.50
C VAL A 192 -7.60 -14.58 13.57
N GLY A 193 -7.97 -14.49 12.29
CA GLY A 193 -7.63 -15.50 11.29
C GLY A 193 -6.17 -15.56 10.89
N ARG A 194 -5.38 -14.59 11.33
CA ARG A 194 -3.94 -14.54 11.07
C ARG A 194 -3.12 -15.16 12.20
N LEU A 195 -3.82 -15.71 13.20
CA LEU A 195 -3.18 -16.40 14.31
C LEU A 195 -2.77 -17.80 13.90
N GLN A 196 -1.51 -18.15 14.18
CA GLN A 196 -0.97 -19.47 13.87
C GLN A 196 -0.36 -20.16 15.10
N GLY A 197 -0.29 -21.49 15.04
CA GLY A 197 0.29 -22.31 16.11
C GLY A 197 -0.63 -22.62 17.28
N PHE A 198 -1.88 -22.17 17.20
CA PHE A 198 -2.88 -22.45 18.24
C PHE A 198 -3.53 -23.82 18.03
N ASP A 199 -3.52 -24.64 19.08
CA ASP A 199 -4.15 -25.96 19.07
C ASP A 199 -5.62 -25.90 19.49
N GLY A 200 -6.49 -26.31 18.57
CA GLY A 200 -7.94 -26.15 18.75
C GLY A 200 -8.49 -25.07 17.85
N LYS A 201 -9.81 -25.05 17.68
CA LYS A 201 -10.48 -24.17 16.72
C LYS A 201 -10.91 -22.83 17.34
N ILE A 202 -10.71 -21.76 16.57
CA ILE A 202 -11.06 -20.38 16.95
C ILE A 202 -12.57 -20.21 17.12
N VAL A 203 -13.34 -20.84 16.24
CA VAL A 203 -14.81 -20.85 16.29
C VAL A 203 -15.31 -21.51 17.57
N ALA A 204 -14.52 -22.44 18.10
CA ALA A 204 -14.86 -23.20 19.31
C ALA A 204 -14.51 -22.50 20.64
N GLN A 205 -14.33 -21.18 20.59
CA GLN A 205 -13.90 -20.40 21.78
C GLN A 205 -14.89 -19.32 22.24
N GLY A 206 -16.05 -19.24 21.59
CA GLY A 206 -17.01 -18.17 21.85
C GLY A 206 -16.68 -16.92 21.06
N LYS A 207 -17.50 -15.88 21.27
CA LYS A 207 -17.35 -14.60 20.58
C LYS A 207 -16.02 -13.94 20.92
N LEU A 208 -15.36 -13.38 19.91
CA LEU A 208 -14.23 -12.48 20.15
C LEU A 208 -14.79 -11.19 20.71
N LEU A 209 -14.33 -10.84 21.92
CA LEU A 209 -14.84 -9.68 22.63
C LEU A 209 -13.94 -8.45 22.48
N LEU A 210 -12.65 -8.63 22.77
CA LEU A 210 -11.68 -7.54 22.72
C LEU A 210 -10.34 -8.02 22.22
N GLN A 211 -9.54 -7.07 21.77
CA GLN A 211 -8.27 -7.34 21.15
C GLN A 211 -7.37 -6.11 21.20
N ASP A 212 -6.16 -6.28 21.73
CA ASP A 212 -5.19 -5.19 21.89
C ASP A 212 -3.74 -5.68 22.00
N THR A 213 -2.79 -4.74 21.89
CA THR A 213 -1.36 -5.03 22.05
C THR A 213 -0.88 -4.45 23.38
N PHE A 214 -0.21 -5.30 24.15
CA PHE A 214 0.33 -4.94 25.46
C PHE A 214 1.81 -5.31 25.51
N LEU A 215 2.54 -4.67 26.41
CA LEU A 215 3.84 -5.19 26.87
C LEU A 215 3.54 -6.15 28.00
N VAL A 216 4.03 -7.38 27.86
CA VAL A 216 3.75 -8.46 28.81
C VAL A 216 5.02 -9.01 29.47
N THR A 217 5.00 -9.04 30.81
CA THR A 217 6.05 -9.63 31.63
C THR A 217 5.55 -10.93 32.28
N ASP A 218 6.34 -12.00 32.12
CA ASP A 218 6.07 -13.30 32.72
C ASP A 218 6.67 -13.42 34.12
N ARG A 226 12.58 -9.27 30.93
CA ARG A 226 12.25 -8.15 30.03
C ARG A 226 10.89 -8.38 29.38
N CYS A 227 10.11 -7.31 29.32
CA CYS A 227 8.76 -7.34 28.74
C CYS A 227 8.81 -7.36 27.21
N ARG A 228 7.87 -8.11 26.61
CA ARG A 228 7.78 -8.23 25.15
C ARG A 228 6.37 -7.88 24.67
N GLU A 229 6.26 -7.51 23.40
CA GLU A 229 4.97 -7.21 22.77
C GLU A 229 4.14 -8.47 22.62
N ARG A 230 2.87 -8.36 22.97
CA ARG A 230 1.90 -9.44 22.79
C ARG A 230 0.60 -8.84 22.28
N ARG A 231 0.05 -9.49 21.25
CA ARG A 231 -1.31 -9.22 20.81
C ARG A 231 -2.19 -10.18 21.59
N ILE A 232 -3.14 -9.63 22.35
CA ILE A 232 -3.98 -10.44 23.24
C ILE A 232 -5.42 -10.46 22.76
N PHE A 233 -5.94 -11.68 22.57
CA PHE A 233 -7.30 -11.91 22.10
C PHE A 233 -8.18 -12.37 23.25
N LEU A 234 -9.22 -11.60 23.54
CA LEU A 234 -10.21 -12.01 24.54
C LEU A 234 -11.43 -12.62 23.89
N PHE A 235 -11.53 -13.95 23.99
CA PHE A 235 -12.74 -14.68 23.63
C PHE A 235 -13.59 -14.89 24.88
N GLU A 236 -14.83 -15.34 24.68
CA GLU A 236 -15.76 -15.60 25.78
C GLU A 236 -15.28 -16.70 26.73
N GLN A 237 -14.49 -17.64 26.19
CA GLN A 237 -14.03 -18.80 26.95
C GLN A 237 -12.51 -18.92 27.10
N ILE A 238 -11.75 -18.04 26.43
CA ILE A 238 -10.28 -18.12 26.43
C ILE A 238 -9.59 -16.75 26.27
N VAL A 239 -8.38 -16.65 26.80
CA VAL A 239 -7.50 -15.50 26.60
C VAL A 239 -6.26 -16.01 25.89
N ILE A 240 -6.00 -15.48 24.69
CA ILE A 240 -4.83 -15.88 23.87
C ILE A 240 -3.76 -14.78 23.79
N PHE A 241 -2.53 -15.15 24.14
CA PHE A 241 -1.35 -14.29 23.99
C PHE A 241 -0.62 -14.67 22.71
N SER A 242 -0.29 -13.67 21.88
CA SER A 242 0.44 -13.91 20.64
C SER A 242 1.55 -12.91 20.32
N GLU A 243 2.63 -13.40 19.72
CA GLU A 243 3.75 -12.57 19.26
C GLU A 243 3.47 -12.05 17.85
N PRO A 244 3.60 -10.72 17.63
CA PRO A 244 3.48 -10.14 16.27
C PRO A 244 4.59 -10.64 15.35
N LEU A 245 4.22 -11.08 14.14
CA LEU A 245 5.17 -11.63 13.18
C LEU A 245 5.50 -10.67 12.03
N ASP A 246 6.54 -11.01 11.28
CA ASP A 246 6.88 -10.33 10.03
C ASP A 246 5.84 -10.61 8.96
N LYS A 247 5.48 -9.57 8.22
CA LYS A 247 4.54 -9.65 7.10
C LYS A 247 5.14 -10.51 5.98
N LYS A 248 4.37 -11.51 5.54
CA LYS A 248 4.79 -12.46 4.50
C LYS A 248 4.59 -11.88 3.10
N LYS A 249 5.22 -12.54 2.12
CA LYS A 249 4.98 -12.26 0.70
C LYS A 249 3.55 -12.69 0.33
N GLY A 250 2.82 -11.78 -0.29
CA GLY A 250 1.43 -12.02 -0.72
C GLY A 250 0.35 -11.68 0.29
N PHE A 251 0.73 -11.49 1.55
CA PHE A 251 -0.22 -11.20 2.62
C PHE A 251 -0.29 -9.69 2.89
N SER A 252 -1.50 -9.21 3.17
CA SER A 252 -1.77 -7.77 3.31
C SER A 252 -1.49 -7.22 4.72
N MET A 253 -1.50 -8.11 5.71
CA MET A 253 -1.20 -7.74 7.09
C MET A 253 -0.24 -8.76 7.74
N PRO A 254 0.46 -8.37 8.84
CA PRO A 254 1.29 -9.33 9.58
C PRO A 254 0.48 -10.36 10.38
N GLY A 255 1.06 -11.56 10.52
CA GLY A 255 0.46 -12.64 11.33
C GLY A 255 0.81 -12.57 12.80
N PHE A 256 0.38 -13.59 13.54
CA PHE A 256 0.57 -13.67 14.99
C PHE A 256 0.88 -15.10 15.41
N LEU A 257 1.94 -15.27 16.18
CA LEU A 257 2.38 -16.57 16.68
C LEU A 257 1.88 -16.80 18.10
N PHE A 258 1.10 -17.87 18.28
CA PHE A 258 0.62 -18.32 19.59
C PHE A 258 1.78 -18.56 20.57
N LYS A 259 1.66 -17.96 21.74
CA LYS A 259 2.65 -18.15 22.79
C LYS A 259 2.11 -18.91 24.00
N ASN A 260 0.96 -18.44 24.51
CA ASN A 260 0.27 -19.06 25.66
C ASN A 260 -1.21 -18.65 25.74
N SER A 261 -1.99 -19.46 26.43
CA SER A 261 -3.43 -19.20 26.64
C SER A 261 -3.88 -19.45 28.08
N ILE A 262 -4.96 -18.76 28.48
CA ILE A 262 -5.62 -18.98 29.76
C ILE A 262 -7.11 -19.21 29.54
N LYS A 263 -7.64 -20.33 30.07
CA LYS A 263 -9.09 -20.58 30.06
C LYS A 263 -9.76 -19.69 31.10
N VAL A 264 -10.95 -19.18 30.77
CA VAL A 264 -11.72 -18.27 31.64
C VAL A 264 -12.05 -18.90 33.01
N SER A 265 -12.35 -20.20 33.01
CA SER A 265 -12.57 -20.99 34.24
C SER A 265 -11.32 -21.16 35.11
N CYS A 266 -10.16 -20.73 34.60
CA CYS A 266 -8.89 -20.76 35.34
C CYS A 266 -8.37 -19.35 35.62
N LEU A 267 -9.06 -18.34 35.07
CA LEU A 267 -8.61 -16.95 35.07
C LEU A 267 -8.89 -16.22 36.38
N CYS A 268 -7.92 -15.40 36.81
CA CYS A 268 -8.07 -14.49 37.94
C CYS A 268 -7.58 -13.11 37.52
N LEU A 269 -8.38 -12.09 37.80
CA LEU A 269 -7.98 -10.72 37.54
C LEU A 269 -7.49 -10.04 38.82
N GLU A 270 -6.28 -9.49 38.74
CA GLU A 270 -5.82 -8.51 39.71
C GLU A 270 -5.83 -7.16 39.01
N GLU A 271 -6.65 -6.25 39.54
CA GLU A 271 -6.88 -4.95 38.92
C GLU A 271 -5.72 -3.96 39.11
N ASN A 272 -5.07 -4.01 40.28
CA ASN A 272 -4.01 -3.07 40.65
C ASN A 272 -2.63 -3.73 40.74
N VAL A 273 -1.72 -3.32 39.84
CA VAL A 273 -0.33 -3.77 39.85
C VAL A 273 0.58 -2.54 40.02
N GLU A 274 1.18 -2.42 41.20
CA GLU A 274 2.07 -1.30 41.58
C GLU A 274 1.39 0.09 41.51
N ASN A 275 0.05 0.08 41.60
CA ASN A 275 -0.83 1.27 41.52
C ASN A 275 -0.81 2.04 40.17
N ASP A 276 -0.25 1.41 39.14
CA ASP A 276 -0.13 2.00 37.80
C ASP A 276 -1.49 2.03 37.07
N PRO A 277 -1.88 3.21 36.52
CA PRO A 277 -3.15 3.34 35.79
C PRO A 277 -3.18 2.62 34.43
N CYS A 278 -2.07 1.97 34.06
CA CYS A 278 -1.95 1.24 32.79
C CYS A 278 -1.63 -0.25 32.95
N LYS A 279 -1.42 -0.70 34.19
CA LYS A 279 -1.13 -2.11 34.45
C LYS A 279 -2.29 -2.85 35.11
N PHE A 280 -2.36 -4.15 34.81
CA PHE A 280 -3.20 -5.12 35.50
C PHE A 280 -2.65 -6.52 35.25
N ALA A 281 -3.05 -7.47 36.10
CA ALA A 281 -2.51 -8.83 36.05
C ALA A 281 -3.56 -9.85 35.68
N LEU A 282 -3.11 -10.91 35.01
CA LEU A 282 -3.93 -12.08 34.75
C LEU A 282 -3.20 -13.31 35.24
N THR A 283 -3.92 -14.17 35.94
CA THR A 283 -3.36 -15.38 36.53
C THR A 283 -4.04 -16.63 35.97
N SER A 284 -3.23 -17.63 35.66
CA SER A 284 -3.69 -18.94 35.18
C SER A 284 -3.48 -19.97 36.28
N ARG A 285 -4.53 -20.75 36.56
CA ARG A 285 -4.52 -21.71 37.68
C ARG A 285 -4.78 -23.15 37.24
N THR A 286 -4.05 -23.60 36.22
CA THR A 286 -4.15 -24.99 35.71
C THR A 286 -3.60 -25.97 36.75
N GLY A 287 -4.51 -26.59 37.51
CA GLY A 287 -4.17 -27.52 38.57
C GLY A 287 -3.29 -26.87 39.62
N ASP A 288 -2.12 -27.45 39.84
CA ASP A 288 -1.11 -26.91 40.76
C ASP A 288 -0.10 -25.97 40.09
N VAL A 289 -0.18 -25.86 38.75
CA VAL A 289 0.67 -24.94 37.98
C VAL A 289 0.01 -23.56 37.89
N VAL A 290 0.68 -22.58 38.50
CA VAL A 290 0.21 -21.19 38.58
C VAL A 290 1.15 -20.29 37.78
N GLU A 291 0.57 -19.44 36.92
CA GLU A 291 1.33 -18.49 36.10
C GLU A 291 0.64 -17.13 36.04
N THR A 292 1.39 -16.08 36.41
CA THR A 292 0.88 -14.70 36.37
C THR A 292 1.53 -13.89 35.23
N PHE A 293 0.71 -13.09 34.56
CA PHE A 293 1.13 -12.21 33.48
C PHE A 293 0.74 -10.77 33.80
N ILE A 294 1.71 -9.86 33.73
CA ILE A 294 1.45 -8.43 33.92
C ILE A 294 1.23 -7.80 32.54
N LEU A 295 0.10 -7.10 32.38
CA LEU A 295 -0.24 -6.46 31.10
C LEU A 295 -0.13 -4.95 31.18
N HIS A 296 0.81 -4.40 30.43
CA HIS A 296 1.03 -2.96 30.36
C HIS A 296 0.24 -2.39 29.19
N SER A 297 -0.74 -1.55 29.50
CA SER A 297 -1.59 -0.91 28.49
C SER A 297 -0.90 0.28 27.86
N SER A 298 -1.34 0.60 26.64
CA SER A 298 -0.95 1.81 25.93
C SER A 298 -1.50 3.06 26.63
N SER A 299 -2.70 2.93 27.20
CA SER A 299 -3.43 4.05 27.81
C SER A 299 -4.33 3.56 28.96
N PRO A 300 -4.75 4.48 29.87
CA PRO A 300 -5.66 4.09 30.97
C PRO A 300 -7.05 3.59 30.55
N SER A 301 -7.58 4.12 29.44
CA SER A 301 -8.93 3.78 28.98
C SER A 301 -9.05 2.35 28.46
N VAL A 302 -7.96 1.84 27.86
CA VAL A 302 -7.86 0.46 27.40
C VAL A 302 -7.90 -0.52 28.58
N ARG A 303 -7.20 -0.16 29.67
CA ARG A 303 -7.22 -0.91 30.92
C ARG A 303 -8.64 -1.02 31.49
N GLN A 304 -9.36 0.11 31.49
CA GLN A 304 -10.74 0.19 31.99
C GLN A 304 -11.74 -0.63 31.18
N THR A 305 -11.47 -0.76 29.88
CA THR A 305 -12.29 -1.56 28.95
C THR A 305 -12.11 -3.06 29.20
N TRP A 306 -10.85 -3.48 29.36
CA TRP A 306 -10.51 -4.88 29.57
C TRP A 306 -10.93 -5.39 30.96
N ILE A 307 -10.73 -4.57 31.98
CA ILE A 307 -11.14 -4.91 33.35
C ILE A 307 -12.66 -5.13 33.46
N HIS A 308 -13.44 -4.22 32.88
CA HIS A 308 -14.90 -4.32 32.80
C HIS A 308 -15.34 -5.62 32.12
N GLU A 309 -14.67 -5.94 31.02
CA GLU A 309 -15.01 -7.07 30.16
C GLU A 309 -14.62 -8.42 30.76
N ILE A 310 -13.47 -8.46 31.43
CA ILE A 310 -13.01 -9.67 32.12
C ILE A 310 -13.89 -9.94 33.34
N ASN A 311 -14.25 -8.87 34.06
CA ASN A 311 -15.18 -8.97 35.21
C ASN A 311 -16.58 -9.45 34.81
N GLN A 312 -17.00 -9.17 33.58
CA GLN A 312 -18.30 -9.61 33.08
C GLN A 312 -18.32 -11.12 32.75
N ILE A 313 -17.26 -11.62 32.12
CA ILE A 313 -17.16 -13.05 31.76
C ILE A 313 -16.84 -13.97 32.93
N LEU A 314 -16.08 -13.46 33.91
CA LEU A 314 -15.83 -14.19 35.16
C LEU A 314 -17.07 -14.32 36.02
N GLU A 315 -17.97 -13.34 35.91
CA GLU A 315 -19.25 -13.33 36.64
C GLU A 315 -20.35 -14.21 36.04
N ASN A 316 -20.11 -14.75 34.84
CA ASN A 316 -21.03 -15.74 34.25
C ASN A 316 -20.62 -17.15 34.69
N GLN A 317 -19.58 -17.70 34.04
CA GLN A 317 -18.88 -18.94 34.44
C GLN A 317 -17.58 -19.12 33.66
N PHE B 3 30.01 -17.52 24.30
CA PHE B 3 28.92 -16.57 24.68
C PHE B 3 28.92 -16.21 26.18
N GLU B 4 29.12 -17.22 27.03
CA GLU B 4 29.16 -17.05 28.49
C GLU B 4 30.53 -16.52 28.94
N GLU B 5 30.51 -15.51 29.81
CA GLU B 5 31.74 -14.96 30.42
C GLU B 5 31.88 -15.39 31.89
N ARG B 6 33.01 -16.04 32.19
CA ARG B 6 33.31 -16.59 33.52
C ARG B 6 34.45 -15.86 34.22
N LYS B 7 35.18 -15.03 33.46
CA LYS B 7 36.45 -14.45 33.89
C LYS B 7 36.30 -13.24 34.83
N SER B 8 35.68 -12.17 34.34
CA SER B 8 35.60 -10.89 35.05
C SER B 8 34.15 -10.41 35.17
N SER B 9 33.84 -9.80 36.31
CA SER B 9 32.50 -9.23 36.56
C SER B 9 32.24 -7.96 35.74
N SER B 10 33.29 -7.22 35.42
CA SER B 10 33.22 -6.05 34.54
C SER B 10 33.00 -6.46 33.08
N LEU B 11 33.67 -7.54 32.65
CA LEU B 11 33.46 -8.13 31.32
C LEU B 11 32.05 -8.71 31.16
N LYS B 12 31.49 -9.19 32.28
CA LYS B 12 30.12 -9.70 32.31
C LYS B 12 29.09 -8.59 32.21
N ARG B 13 29.38 -7.43 32.83
CA ARG B 13 28.52 -6.25 32.67
C ARG B 13 28.66 -5.63 31.28
N ARG B 14 29.89 -5.59 30.77
CA ARG B 14 30.21 -5.12 29.42
C ARG B 14 29.38 -5.88 28.38
N HIS B 15 29.35 -7.21 28.53
CA HIS B 15 28.57 -8.10 27.67
C HIS B 15 27.06 -7.84 27.78
N TYR B 16 26.59 -7.50 28.98
CA TYR B 16 25.18 -7.20 29.24
C TYR B 16 24.70 -5.93 28.56
N VAL B 17 25.53 -4.89 28.59
CA VAL B 17 25.24 -3.59 27.95
C VAL B 17 25.23 -3.76 26.42
N LEU B 18 26.19 -4.53 25.90
CA LEU B 18 26.27 -4.87 24.48
C LEU B 18 25.07 -5.71 24.03
N GLN B 19 24.62 -6.62 24.88
CA GLN B 19 23.41 -7.42 24.67
C GLN B 19 22.19 -6.52 24.54
N GLU B 20 22.04 -5.58 25.48
CA GLU B 20 20.91 -4.66 25.52
C GLU B 20 20.85 -3.75 24.29
N LEU B 21 22.01 -3.30 23.84
CA LEU B 21 22.16 -2.45 22.65
C LEU B 21 21.65 -3.12 21.37
N VAL B 22 21.95 -4.41 21.22
CA VAL B 22 21.54 -5.22 20.07
C VAL B 22 20.04 -5.56 20.12
N GLU B 23 19.55 -5.90 21.31
CA GLU B 23 18.15 -6.26 21.50
C GLU B 23 17.19 -5.10 21.28
N THR B 24 17.58 -3.91 21.74
CA THR B 24 16.79 -2.69 21.54
C THR B 24 16.94 -2.15 20.11
N GLU B 25 18.01 -2.56 19.42
CA GLU B 25 18.24 -2.25 18.00
C GLU B 25 17.23 -3.01 17.13
N ARG B 26 16.95 -4.26 17.49
CA ARG B 26 15.90 -5.07 16.83
C ARG B 26 14.53 -4.43 17.03
N ASP B 27 14.23 -4.03 18.26
CA ASP B 27 13.00 -3.29 18.61
C ASP B 27 12.87 -2.01 17.81
N TYR B 28 13.98 -1.29 17.64
CA TYR B 28 14.06 -0.04 16.90
C TYR B 28 13.76 -0.20 15.40
N VAL B 29 14.40 -1.19 14.77
CA VAL B 29 14.18 -1.54 13.36
C VAL B 29 12.70 -1.90 13.14
N ARG B 30 12.14 -2.69 14.06
CA ARG B 30 10.72 -3.05 14.06
C ARG B 30 9.82 -1.82 14.18
N ASP B 31 10.16 -0.91 15.07
CA ASP B 31 9.35 0.29 15.34
C ASP B 31 9.38 1.29 14.19
N LEU B 32 10.58 1.52 13.63
CA LEU B 32 10.72 2.30 12.40
C LEU B 32 9.98 1.67 11.22
N GLY B 33 9.98 0.34 11.18
CA GLY B 33 9.20 -0.44 10.21
C GLY B 33 7.69 -0.19 10.32
N TYR B 34 7.21 -0.03 11.56
CA TYR B 34 5.80 0.31 11.82
C TYR B 34 5.42 1.68 11.24
N VAL B 35 6.39 2.58 11.19
CA VAL B 35 6.20 3.91 10.59
C VAL B 35 6.23 3.81 9.04
N VAL B 36 7.33 3.27 8.50
CA VAL B 36 7.59 3.25 7.06
C VAL B 36 6.64 2.30 6.32
N GLU B 37 6.74 1.01 6.65
CA GLU B 37 5.94 -0.02 5.99
C GLU B 37 4.51 -0.11 6.53
N GLY B 38 4.22 0.68 7.57
CA GLY B 38 2.88 0.76 8.14
C GLY B 38 2.14 2.02 7.74
N TYR B 39 2.51 3.15 8.36
CA TYR B 39 1.85 4.44 8.16
C TYR B 39 2.05 5.00 6.74
N MET B 40 3.32 5.10 6.33
CA MET B 40 3.70 5.71 5.04
C MET B 40 3.15 4.96 3.83
N ALA B 41 3.16 3.63 3.90
CA ALA B 41 2.57 2.77 2.87
C ALA B 41 1.05 2.92 2.77
N LEU B 42 0.37 2.94 3.92
CA LEU B 42 -1.10 3.13 3.97
C LEU B 42 -1.56 4.51 3.56
N MET B 43 -0.69 5.50 3.75
CA MET B 43 -1.00 6.87 3.35
C MET B 43 -0.72 7.10 1.86
N LYS B 44 0.19 6.32 1.30
CA LYS B 44 0.48 6.34 -0.14
C LYS B 44 -0.60 5.59 -0.91
N GLU B 45 -0.89 4.35 -0.49
CA GLU B 45 -1.87 3.47 -1.14
C GLU B 45 -3.32 3.94 -0.98
N ASP B 46 -3.74 4.15 0.26
CA ASP B 46 -5.15 4.40 0.60
C ASP B 46 -5.51 5.89 0.76
N GLY B 47 -4.51 6.76 0.76
CA GLY B 47 -4.72 8.21 0.76
C GLY B 47 -4.78 8.87 2.13
N VAL B 48 -4.91 10.20 2.10
CA VAL B 48 -4.89 11.07 3.31
C VAL B 48 -6.18 11.91 3.42
N PRO B 49 -6.42 12.56 4.60
CA PRO B 49 -7.51 13.55 4.71
C PRO B 49 -7.32 14.75 3.77
N ASP B 50 -8.40 15.47 3.53
CA ASP B 50 -8.45 16.58 2.57
C ASP B 50 -7.48 17.72 2.90
N ASP B 51 -7.47 18.14 4.17
CA ASP B 51 -6.59 19.23 4.65
C ASP B 51 -5.11 18.84 4.73
N MET B 52 -4.85 17.54 4.79
CA MET B 52 -3.51 17.01 5.04
C MET B 52 -2.66 16.81 3.77
N LYS B 53 -3.26 17.06 2.60
CA LYS B 53 -2.58 16.87 1.31
C LYS B 53 -1.33 17.75 1.14
N GLY B 54 -0.25 17.12 0.67
CA GLY B 54 1.07 17.76 0.55
C GLY B 54 1.92 17.63 1.81
N LYS B 55 1.26 17.67 2.96
CA LYS B 55 1.91 17.73 4.30
C LYS B 55 2.42 16.40 4.85
N ASP B 56 2.34 15.33 4.05
CA ASP B 56 2.81 14.01 4.49
C ASP B 56 4.33 13.84 4.44
N LYS B 57 5.01 14.67 3.64
CA LYS B 57 6.48 14.69 3.57
C LYS B 57 7.06 15.24 4.87
N ILE B 58 6.40 16.26 5.43
CA ILE B 58 6.80 16.94 6.65
C ILE B 58 6.66 16.02 7.87
N VAL B 59 5.57 15.25 7.93
CA VAL B 59 5.26 14.32 9.03
C VAL B 59 6.36 13.27 9.30
N PHE B 60 6.95 12.74 8.23
CA PHE B 60 7.88 11.63 8.34
C PHE B 60 9.34 12.02 8.12
N GLY B 61 9.56 13.23 7.62
CA GLY B 61 10.90 13.74 7.32
C GLY B 61 11.72 12.72 6.54
N ASN B 62 12.92 12.44 7.03
CA ASN B 62 13.81 11.47 6.38
C ASN B 62 13.88 10.13 7.13
N ILE B 63 12.79 9.76 7.81
CA ILE B 63 12.70 8.48 8.53
C ILE B 63 12.97 7.24 7.65
N HIS B 64 12.61 7.33 6.36
CA HIS B 64 12.83 6.24 5.40
C HIS B 64 14.32 5.95 5.23
N GLN B 65 15.12 7.00 5.03
CA GLN B 65 16.58 6.90 4.92
C GLN B 65 17.19 6.20 6.13
N ILE B 66 16.78 6.67 7.32
CA ILE B 66 17.20 6.13 8.62
C ILE B 66 16.83 4.66 8.75
N TYR B 67 15.58 4.32 8.44
CA TYR B 67 15.09 2.94 8.53
C TYR B 67 15.85 1.98 7.60
N ASP B 68 16.12 2.42 6.38
CA ASP B 68 16.87 1.64 5.39
C ASP B 68 18.27 1.34 5.87
N TRP B 69 18.94 2.35 6.44
CA TRP B 69 20.33 2.20 6.85
C TRP B 69 20.47 1.25 8.03
N HIS B 70 19.55 1.38 9.00
CA HIS B 70 19.56 0.52 10.20
C HIS B 70 19.18 -0.94 9.92
N ARG B 71 18.17 -1.15 9.06
CA ARG B 71 17.74 -2.50 8.65
C ARG B 71 18.75 -3.20 7.74
N ASP B 72 19.20 -2.50 6.68
CA ASP B 72 20.04 -3.11 5.65
C ASP B 72 21.54 -3.14 5.99
N PHE B 73 21.93 -2.44 7.06
CA PHE B 73 23.35 -2.33 7.39
C PHE B 73 23.71 -2.40 8.88
N PHE B 74 23.25 -1.42 9.66
CA PHE B 74 23.76 -1.20 11.02
C PHE B 74 23.38 -2.25 12.06
N LEU B 75 22.16 -2.77 12.00
CA LEU B 75 21.73 -3.88 12.88
C LEU B 75 22.64 -5.10 12.75
N GLY B 76 22.94 -5.48 11.51
CA GLY B 76 23.86 -6.58 11.20
C GLY B 76 25.28 -6.35 11.69
N GLU B 77 25.75 -5.11 11.57
CA GLU B 77 27.08 -4.72 12.03
C GLU B 77 27.22 -4.74 13.56
N LEU B 78 26.10 -4.47 14.25
CA LEU B 78 26.04 -4.58 15.71
C LEU B 78 25.94 -6.01 16.22
N GLU B 79 25.26 -6.87 15.45
CA GLU B 79 25.18 -8.30 15.76
C GLU B 79 26.53 -9.00 15.63
N LYS B 80 27.39 -8.46 14.76
CA LYS B 80 28.78 -8.89 14.62
C LYS B 80 29.63 -8.52 15.84
N CYS B 81 29.22 -7.48 16.56
CA CYS B 81 29.89 -7.05 17.80
C CYS B 81 29.64 -7.99 18.98
N LEU B 82 28.54 -8.76 18.93
CA LEU B 82 28.24 -9.75 19.97
C LEU B 82 29.28 -10.87 20.09
N GLU B 83 29.94 -11.19 18.97
CA GLU B 83 31.01 -12.19 18.96
C GLU B 83 32.43 -11.61 18.84
N ASP B 84 32.52 -10.32 18.55
CA ASP B 84 33.79 -9.58 18.56
C ASP B 84 33.58 -8.12 19.05
N PRO B 85 33.59 -7.90 20.39
CA PRO B 85 33.25 -6.60 20.99
C PRO B 85 34.23 -5.45 20.73
N GLU B 86 35.43 -5.75 20.23
CA GLU B 86 36.43 -4.75 19.84
C GLU B 86 36.00 -3.94 18.60
N LYS B 87 35.06 -4.52 17.83
CA LYS B 87 34.50 -3.89 16.64
C LYS B 87 33.63 -2.66 16.97
N LEU B 88 33.05 -2.64 18.17
CA LEU B 88 32.04 -1.65 18.57
C LEU B 88 32.47 -0.18 18.47
N GLY B 89 33.63 0.13 19.05
CA GLY B 89 34.20 1.48 18.98
C GLY B 89 34.42 1.94 17.55
N SER B 90 34.99 1.05 16.73
CA SER B 90 35.25 1.27 15.31
C SER B 90 34.01 1.57 14.47
N LEU B 91 32.87 0.98 14.84
CA LEU B 91 31.59 1.20 14.16
C LEU B 91 31.10 2.63 14.20
N PHE B 92 31.17 3.25 15.38
CA PHE B 92 30.68 4.62 15.57
C PHE B 92 31.65 5.69 15.05
N VAL B 93 32.94 5.36 15.00
CA VAL B 93 33.96 6.24 14.40
C VAL B 93 33.82 6.25 12.86
N LYS B 94 33.72 5.06 12.27
CA LYS B 94 33.57 4.88 10.83
C LYS B 94 32.28 5.49 10.27
N HIS B 95 31.20 5.37 11.04
CA HIS B 95 29.87 5.79 10.57
C HIS B 95 29.35 7.08 11.20
N GLU B 96 30.28 7.93 11.65
CA GLU B 96 29.99 9.28 12.16
C GLU B 96 29.20 10.10 11.14
N ARG B 97 29.63 10.04 9.88
CA ARG B 97 29.01 10.79 8.78
C ARG B 97 27.59 10.33 8.46
N ARG B 98 27.33 9.02 8.56
CA ARG B 98 25.99 8.48 8.35
C ARG B 98 25.04 8.92 9.45
N LEU B 99 25.53 9.00 10.67
CA LEU B 99 24.70 9.38 11.82
C LEU B 99 24.28 10.85 11.82
N HIS B 100 24.79 11.63 10.86
CA HIS B 100 24.36 13.01 10.63
C HIS B 100 22.92 13.12 10.09
N MET B 101 22.38 12.03 9.53
CA MET B 101 20.95 11.90 9.22
C MET B 101 20.06 12.41 10.34
N TYR B 102 20.42 12.02 11.57
CA TYR B 102 19.66 12.33 12.77
C TYR B 102 19.50 13.83 13.04
N ILE B 103 20.48 14.63 12.62
CA ILE B 103 20.40 16.10 12.67
C ILE B 103 19.23 16.60 11.80
N ALA B 104 19.18 16.15 10.54
CA ALA B 104 18.10 16.53 9.62
C ALA B 104 16.73 16.18 10.17
N TYR B 105 16.59 14.96 10.74
CA TYR B 105 15.33 14.49 11.33
C TYR B 105 14.89 15.34 12.50
N CYS B 106 15.84 15.68 13.36
CA CYS B 106 15.57 16.49 14.55
C CYS B 106 15.20 17.92 14.24
N GLN B 107 15.77 18.50 13.19
CA GLN B 107 15.45 19.88 12.79
C GLN B 107 14.04 19.98 12.20
N ASN B 108 13.64 18.94 11.47
CA ASN B 108 12.32 18.87 10.88
C ASN B 108 11.25 18.56 11.93
N LYS B 109 11.65 17.80 12.96
CA LYS B 109 10.78 17.27 14.01
C LYS B 109 9.71 18.22 14.60
N PRO B 110 10.06 19.51 14.90
CA PRO B 110 9.01 20.42 15.40
C PRO B 110 7.85 20.64 14.42
N LYS B 111 8.15 20.67 13.13
CA LYS B 111 7.15 20.90 12.09
C LYS B 111 6.24 19.69 11.92
N SER B 112 6.82 18.49 12.09
CA SER B 112 6.10 17.21 12.06
C SER B 112 5.17 17.07 13.25
N GLU B 113 5.64 17.52 14.42
CA GLU B 113 4.86 17.47 15.66
C GLU B 113 3.57 18.28 15.59
N HIS B 114 3.61 19.42 14.91
CA HIS B 114 2.42 20.27 14.73
C HIS B 114 1.31 19.59 13.94
N ILE B 115 1.67 18.95 12.82
CA ILE B 115 0.69 18.25 11.98
C ILE B 115 0.09 17.07 12.73
N VAL B 116 0.95 16.25 13.35
CA VAL B 116 0.53 15.02 14.04
C VAL B 116 -0.46 15.31 15.18
N SER B 117 -0.22 16.40 15.92
CA SER B 117 -1.08 16.81 17.04
C SER B 117 -2.54 17.12 16.66
N GLU B 118 -2.73 17.61 15.43
CA GLU B 118 -4.06 17.91 14.89
C GLU B 118 -4.82 16.65 14.47
N TYR B 119 -4.08 15.60 14.13
CA TYR B 119 -4.67 14.38 13.56
C TYR B 119 -4.50 13.12 14.40
N ILE B 120 -3.85 13.23 15.56
CA ILE B 120 -3.53 12.06 16.41
C ILE B 120 -4.78 11.28 16.90
N ASP B 121 -5.85 12.00 17.21
CA ASP B 121 -7.12 11.40 17.64
C ASP B 121 -8.08 11.05 16.50
N THR B 122 -7.90 11.69 15.34
CA THR B 122 -8.76 11.46 14.17
C THR B 122 -8.18 10.43 13.20
N PHE B 123 -7.42 10.90 12.20
CA PHE B 123 -6.90 10.05 11.11
C PHE B 123 -5.89 9.00 11.57
N PHE B 124 -4.97 9.38 12.44
CA PHE B 124 -3.90 8.48 12.88
C PHE B 124 -4.36 7.41 13.86
N GLU B 125 -5.44 7.69 14.60
CA GLU B 125 -6.07 6.71 15.46
C GLU B 125 -6.73 5.61 14.64
N ASP B 126 -7.35 6.00 13.52
CA ASP B 126 -7.92 5.04 12.56
C ASP B 126 -6.86 4.10 11.99
N LEU B 127 -5.70 4.66 11.61
CA LEU B 127 -4.61 3.86 11.05
C LEU B 127 -3.97 2.93 12.07
N LYS B 128 -3.76 3.42 13.29
CA LYS B 128 -3.29 2.60 14.43
C LYS B 128 -4.17 1.36 14.65
N GLN B 129 -5.49 1.54 14.62
CA GLN B 129 -6.46 0.44 14.77
C GLN B 129 -6.26 -0.62 13.69
N ARG B 130 -6.24 -0.17 12.43
CA ARG B 130 -6.04 -1.02 11.24
C ARG B 130 -4.68 -1.75 11.24
N LEU B 131 -3.61 -1.03 11.61
CA LEU B 131 -2.27 -1.60 11.69
C LEU B 131 -2.06 -2.54 12.89
N GLY B 132 -2.89 -2.37 13.92
CA GLY B 132 -2.83 -3.19 15.14
C GLY B 132 -1.65 -2.88 16.05
N HIS B 133 -1.19 -1.63 16.01
CA HIS B 133 -0.03 -1.16 16.78
C HIS B 133 -0.31 -0.93 18.25
N ARG B 134 0.69 -1.18 19.08
CA ARG B 134 0.65 -0.83 20.49
C ARG B 134 0.72 0.69 20.70
N LEU B 135 1.72 1.33 20.08
CA LEU B 135 2.01 2.75 20.29
C LEU B 135 1.36 3.65 19.25
N GLN B 136 1.04 4.88 19.68
CA GLN B 136 0.60 5.95 18.78
C GLN B 136 1.74 6.45 17.88
N LEU B 137 1.41 7.26 16.88
CA LEU B 137 2.40 7.84 15.97
C LEU B 137 3.36 8.80 16.67
N THR B 138 2.83 9.67 17.53
CA THR B 138 3.62 10.57 18.37
C THR B 138 4.76 9.81 19.08
N ASP B 139 4.43 8.69 19.70
CA ASP B 139 5.42 7.82 20.36
C ASP B 139 6.33 7.07 19.38
N LEU B 140 5.86 6.82 18.16
CA LEU B 140 6.70 6.18 17.13
C LEU B 140 7.71 7.12 16.49
N LEU B 141 7.30 8.36 16.22
CA LEU B 141 8.17 9.36 15.59
C LEU B 141 9.26 9.93 16.52
N ILE B 142 9.08 9.76 17.83
CA ILE B 142 10.09 10.13 18.83
C ILE B 142 11.26 9.12 18.88
N LYS B 143 11.05 7.92 18.33
CA LYS B 143 12.02 6.82 18.42
C LYS B 143 13.44 7.10 17.89
N PRO B 144 13.60 7.78 16.71
CA PRO B 144 14.97 8.13 16.27
C PRO B 144 15.68 9.12 17.20
N VAL B 145 14.91 10.06 17.76
CA VAL B 145 15.43 11.01 18.73
C VAL B 145 15.87 10.28 20.01
N GLN B 146 15.04 9.36 20.50
CA GLN B 146 15.38 8.52 21.66
C GLN B 146 16.62 7.63 21.42
N ARG B 147 16.70 7.04 20.22
CA ARG B 147 17.77 6.08 19.86
C ARG B 147 19.18 6.66 19.89
N ILE B 148 19.34 7.88 19.38
CA ILE B 148 20.63 8.55 19.30
C ILE B 148 21.12 8.97 20.69
N MET B 149 20.18 9.27 21.58
CA MET B 149 20.46 9.55 22.99
C MET B 149 20.76 8.25 23.76
N LYS B 150 20.15 7.15 23.33
CA LYS B 150 20.40 5.83 23.93
C LYS B 150 21.79 5.28 23.57
N TYR B 151 22.24 5.52 22.34
CA TYR B 151 23.59 5.16 21.89
C TYR B 151 24.67 5.81 22.76
N GLN B 152 24.45 7.08 23.11
CA GLN B 152 25.33 7.83 24.01
C GLN B 152 25.44 7.16 25.38
N LEU B 153 24.28 6.83 25.97
CA LEU B 153 24.18 6.25 27.31
C LEU B 153 24.79 4.85 27.39
N LEU B 154 24.53 4.02 26.38
CA LEU B 154 24.99 2.63 26.36
C LEU B 154 26.46 2.46 26.01
N LEU B 155 26.99 3.32 25.14
CA LEU B 155 28.42 3.35 24.86
C LEU B 155 29.24 3.82 26.06
N LYS B 156 28.74 4.84 26.78
CA LYS B 156 29.42 5.37 27.98
C LYS B 156 29.54 4.29 29.04
N ASP B 157 28.47 3.51 29.19
CA ASP B 157 28.47 2.31 30.04
C ASP B 157 29.46 1.26 29.56
N PHE B 158 29.47 0.99 28.26
CA PHE B 158 30.41 0.06 27.63
C PHE B 158 31.87 0.47 27.86
N LEU B 159 32.16 1.76 27.70
CA LEU B 159 33.49 2.32 27.99
C LEU B 159 33.89 2.17 29.47
N LYS B 160 32.96 2.50 30.37
CA LYS B 160 33.13 2.39 31.82
C LYS B 160 33.62 1.00 32.25
N TYR B 161 32.96 -0.05 31.74
CA TYR B 161 33.30 -1.43 32.09
C TYR B 161 34.54 -1.96 31.37
N SER B 162 34.76 -1.51 30.14
CA SER B 162 35.99 -1.82 29.38
C SER B 162 37.23 -1.29 30.10
N LYS B 163 37.08 -0.12 30.72
CA LYS B 163 38.13 0.55 31.48
C LYS B 163 38.48 -0.24 32.75
N LYS B 164 37.46 -0.81 33.40
CA LYS B 164 37.66 -1.66 34.58
C LYS B 164 38.30 -3.01 34.25
N ALA B 165 38.15 -3.44 33.00
CA ALA B 165 38.71 -4.71 32.52
C ALA B 165 40.14 -4.59 31.98
N SER B 166 40.70 -3.38 32.04
CA SER B 166 42.07 -3.05 31.57
C SER B 166 42.30 -3.38 30.08
N LEU B 167 41.35 -2.98 29.24
CA LEU B 167 41.40 -3.22 27.79
C LEU B 167 41.69 -1.93 27.02
N ASP B 168 41.98 -2.07 25.73
CA ASP B 168 42.24 -0.93 24.83
C ASP B 168 40.96 -0.12 24.60
N THR B 169 41.01 1.15 24.97
CA THR B 169 39.83 2.02 24.94
C THR B 169 39.99 3.25 24.02
N SER B 170 41.12 3.30 23.30
CA SER B 170 41.42 4.41 22.38
C SER B 170 40.34 4.60 21.34
N GLU B 171 39.97 3.51 20.67
CA GLU B 171 38.94 3.49 19.63
C GLU B 171 37.55 3.82 20.19
N LEU B 172 37.30 3.35 21.41
CA LEU B 172 36.03 3.51 22.10
C LEU B 172 35.82 4.94 22.62
N GLU B 173 36.90 5.55 23.12
CA GLU B 173 36.89 6.94 23.57
C GLU B 173 36.61 7.93 22.45
N ARG B 174 37.09 7.62 21.24
CA ARG B 174 36.74 8.34 20.02
C ARG B 174 35.27 8.14 19.63
N ALA B 175 34.76 6.92 19.81
CA ALA B 175 33.33 6.60 19.59
C ALA B 175 32.40 7.37 20.52
N VAL B 176 32.79 7.46 21.80
CA VAL B 176 32.07 8.25 22.82
C VAL B 176 32.09 9.74 22.49
N GLU B 177 33.25 10.24 22.04
CA GLU B 177 33.41 11.61 21.54
C GLU B 177 32.46 11.93 20.37
N VAL B 178 32.30 10.95 19.47
CA VAL B 178 31.37 11.03 18.33
C VAL B 178 29.93 11.08 18.84
N MET B 179 29.61 10.21 19.80
CA MET B 179 28.27 10.13 20.38
C MET B 179 28.00 11.17 21.47
N CYS B 180 28.83 12.21 21.50
CA CYS B 180 28.57 13.43 22.25
C CYS B 180 28.24 14.59 21.29
N ILE B 181 29.05 14.73 20.23
CA ILE B 181 28.86 15.78 19.21
C ILE B 181 27.52 15.62 18.50
N VAL B 182 27.26 14.42 17.98
CA VAL B 182 26.04 14.14 17.21
C VAL B 182 24.73 14.48 17.97
N PRO B 183 24.52 13.94 19.21
CA PRO B 183 23.31 14.31 19.96
C PRO B 183 23.19 15.81 20.31
N ARG B 184 24.30 16.46 20.65
CA ARG B 184 24.31 17.89 20.95
C ARG B 184 23.91 18.77 19.75
N ARG B 185 24.40 18.40 18.56
CA ARG B 185 24.02 19.08 17.32
C ARG B 185 22.53 18.88 17.00
N CYS B 186 21.99 17.71 17.35
CA CYS B 186 20.55 17.43 17.24
C CYS B 186 19.67 18.32 18.12
N ASN B 187 20.03 18.45 19.40
CA ASN B 187 19.34 19.34 20.35
C ASN B 187 19.30 20.76 19.80
N ASP B 188 20.47 21.23 19.35
CA ASP B 188 20.65 22.58 18.84
C ASP B 188 19.75 22.85 17.64
N MET B 189 19.77 21.95 16.66
CA MET B 189 18.96 22.12 15.46
C MET B 189 17.47 21.92 15.73
N MET B 190 17.14 21.03 16.67
CA MET B 190 15.75 20.85 17.10
C MET B 190 15.19 22.11 17.76
N ASN B 191 16.01 22.76 18.61
CA ASN B 191 15.62 23.99 19.28
C ASN B 191 15.47 25.16 18.30
N VAL B 192 16.38 25.26 17.34
CA VAL B 192 16.30 26.25 16.26
C VAL B 192 14.97 26.08 15.50
N GLY B 193 14.58 24.83 15.28
CA GLY B 193 13.32 24.49 14.62
C GLY B 193 12.08 24.81 15.44
N ARG B 194 12.25 24.98 16.76
CA ARG B 194 11.15 25.31 17.66
C ARG B 194 10.96 26.81 17.87
N LEU B 195 11.83 27.62 17.25
CA LEU B 195 11.72 29.06 17.27
C LEU B 195 10.57 29.55 16.38
N GLN B 196 9.56 30.15 17.02
CA GLN B 196 8.45 30.76 16.29
C GLN B 196 8.51 32.29 16.36
N GLY B 197 7.92 32.95 15.36
CA GLY B 197 7.83 34.40 15.32
C GLY B 197 8.99 35.13 14.66
N PHE B 198 9.96 34.38 14.15
CA PHE B 198 11.11 34.97 13.43
C PHE B 198 10.81 35.22 11.95
N ASP B 199 10.77 36.50 11.59
CA ASP B 199 10.68 36.92 10.19
C ASP B 199 12.07 36.91 9.55
N GLY B 200 12.19 36.17 8.45
CA GLY B 200 13.49 35.90 7.83
C GLY B 200 13.88 34.44 7.92
N LYS B 201 14.72 34.01 6.98
CA LYS B 201 15.09 32.61 6.82
C LYS B 201 16.30 32.22 7.67
N ILE B 202 16.19 31.07 8.34
CA ILE B 202 17.25 30.53 9.22
C ILE B 202 18.54 30.25 8.44
N VAL B 203 18.39 29.69 7.24
CA VAL B 203 19.51 29.33 6.35
C VAL B 203 20.31 30.56 5.89
N ALA B 204 19.62 31.70 5.75
CA ALA B 204 20.24 32.98 5.37
C ALA B 204 21.09 33.60 6.48
N GLN B 205 20.96 33.08 7.71
CA GLN B 205 21.71 33.60 8.86
C GLN B 205 23.07 32.94 9.06
N GLY B 206 23.44 32.02 8.16
CA GLY B 206 24.71 31.30 8.22
C GLY B 206 24.72 30.22 9.30
N LYS B 207 25.93 29.90 9.77
CA LYS B 207 26.12 28.84 10.76
C LYS B 207 25.68 29.28 12.16
N LEU B 208 24.91 28.40 12.80
CA LEU B 208 24.62 28.52 14.22
C LEU B 208 25.91 28.24 14.99
N LEU B 209 26.33 29.25 15.76
CA LEU B 209 27.59 29.19 16.50
C LEU B 209 27.35 28.76 17.95
N LEU B 210 26.47 29.47 18.65
CA LEU B 210 26.19 29.22 20.05
C LEU B 210 24.71 29.32 20.39
N GLN B 211 24.37 28.73 21.54
CA GLN B 211 23.00 28.65 22.01
C GLN B 211 23.00 28.45 23.52
N ASP B 212 22.30 29.33 24.23
CA ASP B 212 22.20 29.28 25.70
C ASP B 212 21.02 30.07 26.24
N THR B 213 20.63 29.75 27.48
CA THR B 213 19.58 30.46 28.17
C THR B 213 20.21 31.40 29.19
N PHE B 214 19.76 32.65 29.17
CA PHE B 214 20.29 33.72 29.99
C PHE B 214 19.13 34.44 30.70
N LEU B 215 19.39 34.95 31.90
CA LEU B 215 18.54 36.00 32.46
C LEU B 215 18.94 37.32 31.80
N VAL B 216 17.96 38.02 31.22
CA VAL B 216 18.21 39.25 30.45
C VAL B 216 17.40 40.42 30.99
N THR B 217 18.09 41.54 31.24
CA THR B 217 17.46 42.81 31.61
C THR B 217 17.59 43.81 30.45
N ASP B 218 16.48 44.48 30.11
CA ASP B 218 16.45 45.51 29.07
C ASP B 218 16.58 46.90 29.69
N GLN B 219 17.59 47.65 29.25
CA GLN B 219 17.87 49.01 29.79
C GLN B 219 16.86 50.06 29.32
N ARG B 226 13.53 44.60 35.81
CA ARG B 226 13.41 43.18 36.13
C ARG B 226 13.83 42.30 34.95
N CYS B 227 14.48 41.18 35.24
CA CYS B 227 15.00 40.28 34.22
C CYS B 227 14.13 39.05 33.97
N ARG B 228 14.16 38.58 32.72
CA ARG B 228 13.43 37.39 32.28
C ARG B 228 14.36 36.41 31.56
N GLU B 229 13.96 35.14 31.51
CA GLU B 229 14.72 34.12 30.79
C GLU B 229 14.62 34.32 29.28
N ARG B 230 15.78 34.26 28.62
CA ARG B 230 15.85 34.32 27.16
C ARG B 230 16.79 33.24 26.61
N ARG B 231 16.27 32.43 25.68
CA ARG B 231 17.09 31.54 24.86
C ARG B 231 17.67 32.39 23.72
N ILE B 232 19.00 32.50 23.69
CA ILE B 232 19.69 33.33 22.72
C ILE B 232 20.46 32.47 21.74
N PHE B 233 20.21 32.71 20.45
CA PHE B 233 20.82 31.96 19.36
C PHE B 233 21.82 32.84 18.65
N LEU B 234 23.09 32.45 18.70
CA LEU B 234 24.12 33.19 17.99
C LEU B 234 24.44 32.53 16.65
N PHE B 235 23.98 33.19 15.59
CA PHE B 235 24.34 32.84 14.23
C PHE B 235 25.47 33.75 13.78
N GLU B 236 26.11 33.38 12.67
CA GLU B 236 27.19 34.19 12.07
C GLU B 236 26.73 35.58 11.62
N GLN B 237 25.43 35.73 11.38
CA GLN B 237 24.87 36.96 10.82
C GLN B 237 23.92 37.72 11.76
N ILE B 238 23.41 37.04 12.79
CA ILE B 238 22.40 37.60 13.68
C ILE B 238 22.45 37.04 15.12
N VAL B 239 21.92 37.82 16.07
CA VAL B 239 21.71 37.41 17.45
C VAL B 239 20.20 37.41 17.69
N ILE B 240 19.65 36.28 18.12
CA ILE B 240 18.20 36.15 18.33
C ILE B 240 17.85 35.92 19.82
N PHE B 241 16.99 36.78 20.35
CA PHE B 241 16.49 36.69 21.72
C PHE B 241 15.08 36.11 21.65
N SER B 242 14.83 35.08 22.46
CA SER B 242 13.55 34.38 22.46
C SER B 242 13.09 33.93 23.85
N GLU B 243 11.79 34.03 24.10
CA GLU B 243 11.16 33.60 25.37
C GLU B 243 10.82 32.10 25.31
N PRO B 244 11.30 31.31 26.31
CA PRO B 244 10.89 29.90 26.38
C PRO B 244 9.44 29.76 26.80
N LEU B 245 8.67 28.97 26.05
CA LEU B 245 7.23 28.82 26.27
C LEU B 245 6.87 27.54 27.03
N ASP B 246 5.62 27.45 27.50
CA ASP B 246 5.07 26.21 28.04
C ASP B 246 4.88 25.18 26.92
N LYS B 247 5.44 23.99 27.13
CA LYS B 247 5.37 22.86 26.18
C LYS B 247 3.93 22.43 25.87
N LYS B 248 3.60 22.37 24.58
CA LYS B 248 2.24 22.09 24.09
C LYS B 248 1.93 20.58 24.05
N LYS B 249 0.64 20.25 24.08
CA LYS B 249 0.14 18.88 23.96
C LYS B 249 0.48 18.31 22.57
N GLY B 250 1.18 17.18 22.58
CA GLY B 250 1.67 16.53 21.35
C GLY B 250 3.08 16.88 20.96
N PHE B 251 3.71 17.77 21.73
CA PHE B 251 5.09 18.22 21.49
C PHE B 251 6.02 17.64 22.53
N SER B 252 7.22 17.27 22.11
CA SER B 252 8.20 16.60 22.98
C SER B 252 9.02 17.56 23.85
N MET B 253 9.15 18.81 23.37
CA MET B 253 9.95 19.85 24.02
C MET B 253 9.24 21.21 23.97
N PRO B 254 9.58 22.13 24.91
CA PRO B 254 9.09 23.53 24.85
C PRO B 254 9.64 24.31 23.65
N GLY B 255 8.80 25.18 23.08
CA GLY B 255 9.18 26.06 21.98
C GLY B 255 9.69 27.41 22.45
N PHE B 256 10.00 28.28 21.49
CA PHE B 256 10.56 29.61 21.78
C PHE B 256 9.88 30.70 20.97
N LEU B 257 9.55 31.81 21.65
CA LEU B 257 8.91 32.95 21.00
C LEU B 257 9.91 34.09 20.78
N PHE B 258 10.04 34.50 19.51
CA PHE B 258 10.89 35.64 19.13
C PHE B 258 10.49 36.90 19.89
N LYS B 259 11.50 37.61 20.39
CA LYS B 259 11.30 38.83 21.15
C LYS B 259 11.97 40.03 20.49
N ASN B 260 13.26 39.89 20.17
CA ASN B 260 14.04 40.89 19.44
C ASN B 260 15.33 40.31 18.85
N SER B 261 15.89 40.99 17.85
CA SER B 261 17.15 40.58 17.20
C SER B 261 18.15 41.73 17.01
N ILE B 262 19.42 41.38 16.87
CA ILE B 262 20.49 42.32 16.50
C ILE B 262 21.36 41.69 15.41
N LYS B 263 21.43 42.34 14.26
CA LYS B 263 22.35 41.98 13.17
C LYS B 263 23.79 42.26 13.61
N VAL B 264 24.73 41.42 13.15
CA VAL B 264 26.15 41.50 13.57
C VAL B 264 26.85 42.81 13.12
N SER B 265 26.39 43.38 12.01
CA SER B 265 26.85 44.70 11.56
C SER B 265 26.41 45.84 12.50
N CYS B 266 25.36 45.59 13.28
CA CYS B 266 24.81 46.56 14.23
C CYS B 266 25.14 46.23 15.70
N LEU B 267 25.92 45.17 15.90
CA LEU B 267 26.24 44.64 17.22
C LEU B 267 27.44 45.32 17.90
N CYS B 268 27.31 45.56 19.20
CA CYS B 268 28.38 46.06 20.05
C CYS B 268 28.50 45.21 21.31
N LEU B 269 29.72 44.79 21.64
CA LEU B 269 29.97 44.00 22.84
C LEU B 269 30.68 44.80 23.93
N GLU B 270 30.02 44.93 25.08
CA GLU B 270 30.63 45.46 26.30
C GLU B 270 30.84 44.31 27.27
N GLU B 271 32.11 44.01 27.54
CA GLU B 271 32.53 42.82 28.29
C GLU B 271 32.34 42.92 29.82
N ASN B 272 32.64 44.09 30.38
CA ASN B 272 32.52 44.33 31.82
C ASN B 272 31.23 45.06 32.19
N VAL B 273 30.37 44.37 32.93
CA VAL B 273 29.13 44.94 33.44
C VAL B 273 29.07 44.69 34.95
N GLU B 274 29.03 45.80 35.71
CA GLU B 274 28.85 45.80 37.17
C GLU B 274 29.89 44.99 37.97
N ASN B 275 31.04 44.73 37.32
CA ASN B 275 32.15 43.90 37.86
C ASN B 275 31.72 42.48 38.28
N ASP B 276 30.78 41.92 37.50
CA ASP B 276 30.17 40.61 37.74
C ASP B 276 30.82 39.58 36.81
N PRO B 277 31.33 38.45 37.37
CA PRO B 277 31.94 37.37 36.56
C PRO B 277 30.98 36.60 35.63
N CYS B 278 29.70 36.96 35.67
CA CYS B 278 28.67 36.30 34.87
C CYS B 278 27.92 37.23 33.90
N LYS B 279 28.12 38.53 34.06
CA LYS B 279 27.41 39.52 33.25
C LYS B 279 28.23 40.09 32.09
N PHE B 280 27.54 40.34 30.98
CA PHE B 280 28.07 41.07 29.83
C PHE B 280 26.91 41.69 29.04
N ALA B 281 27.21 42.65 28.16
CA ALA B 281 26.16 43.43 27.48
C ALA B 281 26.28 43.42 25.96
N LEU B 282 25.11 43.43 25.31
CA LEU B 282 25.01 43.52 23.85
C LEU B 282 24.14 44.71 23.45
N THR B 283 24.67 45.55 22.56
CA THR B 283 24.04 46.79 22.15
C THR B 283 23.61 46.74 20.67
N SER B 284 22.42 47.28 20.40
CA SER B 284 21.87 47.40 19.05
C SER B 284 21.88 48.85 18.60
N ARG B 285 22.45 49.11 17.42
CA ARG B 285 22.51 50.46 16.84
C ARG B 285 21.94 50.49 15.43
N THR B 286 20.63 50.70 15.34
CA THR B 286 19.93 50.86 14.07
C THR B 286 19.63 52.35 13.87
N GLY B 287 20.40 52.97 12.99
CA GLY B 287 20.29 54.40 12.71
C GLY B 287 20.64 55.24 13.93
N ASP B 288 19.59 55.62 14.67
CA ASP B 288 19.72 56.43 15.88
C ASP B 288 19.24 55.70 17.14
N VAL B 289 18.39 54.69 16.95
CA VAL B 289 17.78 53.93 18.04
C VAL B 289 18.82 52.98 18.70
N VAL B 290 19.02 53.17 20.01
CA VAL B 290 19.99 52.41 20.80
C VAL B 290 19.25 51.51 21.79
N GLU B 291 19.61 50.22 21.80
CA GLU B 291 19.06 49.24 22.74
C GLU B 291 20.17 48.42 23.38
N THR B 292 20.19 48.39 24.70
CA THR B 292 21.20 47.64 25.46
C THR B 292 20.58 46.50 26.26
N PHE B 293 21.15 45.31 26.11
CA PHE B 293 20.67 44.11 26.80
C PHE B 293 21.75 43.55 27.72
N ILE B 294 21.46 43.50 29.02
CA ILE B 294 22.35 42.88 30.01
C ILE B 294 22.10 41.37 30.02
N LEU B 295 23.15 40.59 29.81
CA LEU B 295 23.06 39.13 29.84
C LEU B 295 23.69 38.55 31.10
N HIS B 296 22.89 37.79 31.85
CA HIS B 296 23.34 37.10 33.05
C HIS B 296 23.53 35.62 32.73
N SER B 297 24.75 35.12 32.85
CA SER B 297 25.09 33.73 32.55
C SER B 297 24.90 32.80 33.75
N SER B 298 24.73 31.52 33.45
CA SER B 298 24.66 30.44 34.42
C SER B 298 25.96 30.28 35.19
N SER B 299 27.09 30.37 34.48
CA SER B 299 28.44 30.22 35.03
C SER B 299 29.42 31.10 34.24
N PRO B 300 30.60 31.45 34.84
CA PRO B 300 31.56 32.33 34.16
C PRO B 300 32.14 31.77 32.85
N SER B 301 32.28 30.44 32.77
CA SER B 301 32.75 29.76 31.56
C SER B 301 31.83 30.04 30.36
N VAL B 302 30.52 30.11 30.61
CA VAL B 302 29.50 30.44 29.60
C VAL B 302 29.68 31.88 29.09
N ARG B 303 29.94 32.82 30.01
CA ARG B 303 30.21 34.22 29.67
C ARG B 303 31.45 34.37 28.76
N GLN B 304 32.51 33.63 29.07
CA GLN B 304 33.77 33.68 28.34
C GLN B 304 33.69 33.03 26.97
N THR B 305 32.84 32.02 26.84
CA THR B 305 32.60 31.34 25.55
C THR B 305 31.88 32.28 24.58
N TRP B 306 30.87 32.99 25.10
CA TRP B 306 30.10 33.97 24.31
C TRP B 306 30.90 35.20 23.90
N ILE B 307 31.76 35.69 24.81
CA ILE B 307 32.67 36.81 24.54
C ILE B 307 33.66 36.45 23.41
N HIS B 308 34.30 35.29 23.52
CA HIS B 308 35.26 34.79 22.52
C HIS B 308 34.62 34.62 21.13
N GLU B 309 33.38 34.15 21.09
CA GLU B 309 32.69 33.91 19.83
C GLU B 309 32.20 35.20 19.17
N ILE B 310 31.59 36.08 19.97
CA ILE B 310 31.09 37.38 19.51
C ILE B 310 32.21 38.28 18.99
N ASN B 311 33.36 38.28 19.68
CA ASN B 311 34.57 39.00 19.24
C ASN B 311 35.12 38.50 17.90
N GLN B 312 35.12 37.17 17.73
CA GLN B 312 35.63 36.50 16.53
C GLN B 312 34.90 36.91 15.25
N ILE B 313 33.57 37.08 15.34
CA ILE B 313 32.72 37.48 14.19
C ILE B 313 32.62 39.00 14.01
N LEU B 314 32.78 39.75 15.10
CA LEU B 314 32.86 41.21 15.05
C LEU B 314 34.12 41.72 14.34
N GLU B 315 35.18 40.92 14.37
CA GLU B 315 36.41 41.17 13.62
C GLU B 315 36.37 40.58 12.20
N ASN B 316 35.34 39.76 11.93
CA ASN B 316 35.09 39.21 10.58
C ASN B 316 34.08 40.06 9.82
N ARG C 13 2.96 -37.71 -17.56
CA ARG C 13 2.28 -36.37 -17.68
C ARG C 13 2.36 -35.78 -19.08
N ARG C 14 3.45 -36.07 -19.79
CA ARG C 14 3.69 -35.57 -21.16
C ARG C 14 2.77 -36.21 -22.20
N HIS C 15 2.40 -37.48 -21.98
CA HIS C 15 1.48 -38.21 -22.87
C HIS C 15 0.02 -37.79 -22.66
N TYR C 16 -0.34 -37.50 -21.40
CA TYR C 16 -1.70 -37.07 -21.02
C TYR C 16 -2.11 -35.74 -21.65
N VAL C 17 -1.14 -34.84 -21.81
CA VAL C 17 -1.34 -33.53 -22.45
C VAL C 17 -1.64 -33.71 -23.95
N LEU C 18 -0.88 -34.60 -24.61
CA LEU C 18 -1.06 -34.91 -26.03
C LEU C 18 -2.38 -35.62 -26.33
N GLN C 19 -2.83 -36.48 -25.39
CA GLN C 19 -4.10 -37.20 -25.52
C GLN C 19 -5.31 -36.27 -25.41
N GLU C 20 -5.23 -35.31 -24.48
CA GLU C 20 -6.29 -34.32 -24.26
C GLU C 20 -6.40 -33.33 -25.41
N LEU C 21 -5.26 -32.99 -26.01
CA LEU C 21 -5.19 -32.06 -27.15
C LEU C 21 -5.86 -32.60 -28.42
N VAL C 22 -5.73 -33.91 -28.66
CA VAL C 22 -6.34 -34.57 -29.83
C VAL C 22 -7.85 -34.77 -29.64
N GLU C 23 -8.25 -35.29 -28.47
CA GLU C 23 -9.66 -35.56 -28.17
C GLU C 23 -10.53 -34.30 -28.14
N THR C 24 -10.02 -33.23 -27.53
CA THR C 24 -10.71 -31.93 -27.51
C THR C 24 -10.73 -31.24 -28.88
N GLU C 25 -9.84 -31.65 -29.79
CA GLU C 25 -9.87 -31.19 -31.18
C GLU C 25 -11.06 -31.78 -31.92
N ARG C 26 -11.29 -33.09 -31.74
CA ARG C 26 -12.46 -33.79 -32.28
C ARG C 26 -13.77 -33.17 -31.78
N ASP C 27 -13.81 -32.82 -30.49
CA ASP C 27 -14.95 -32.12 -29.90
C ASP C 27 -15.12 -30.72 -30.49
N TYR C 28 -14.00 -30.04 -30.75
CA TYR C 28 -14.00 -28.67 -31.31
C TYR C 28 -14.52 -28.63 -32.75
N VAL C 29 -14.11 -29.59 -33.58
CA VAL C 29 -14.59 -29.72 -34.97
C VAL C 29 -16.12 -29.97 -34.97
N ARG C 30 -16.55 -30.87 -34.09
CA ARG C 30 -17.97 -31.16 -33.86
C ARG C 30 -18.75 -29.90 -33.47
N ASP C 31 -18.24 -29.15 -32.49
CA ASP C 31 -18.91 -27.96 -31.95
C ASP C 31 -19.02 -26.82 -32.96
N LEU C 32 -17.97 -26.58 -33.73
CA LEU C 32 -17.98 -25.59 -34.82
C LEU C 32 -19.00 -25.95 -35.92
N GLY C 33 -19.10 -27.24 -36.22
CA GLY C 33 -20.12 -27.80 -37.13
C GLY C 33 -21.56 -27.52 -36.74
N TYR C 34 -21.84 -27.53 -35.44
CA TYR C 34 -23.15 -27.15 -34.91
C TYR C 34 -23.56 -25.72 -35.29
N VAL C 35 -22.58 -24.83 -35.40
CA VAL C 35 -22.81 -23.47 -35.85
C VAL C 35 -22.97 -23.41 -37.38
N VAL C 36 -21.98 -23.94 -38.11
CA VAL C 36 -21.90 -23.82 -39.57
C VAL C 36 -22.99 -24.65 -40.27
N GLU C 37 -22.98 -25.96 -40.03
CA GLU C 37 -23.92 -26.90 -40.64
C GLU C 37 -25.27 -27.01 -39.90
N GLY C 38 -25.46 -26.16 -38.90
CA GLY C 38 -26.70 -26.08 -38.14
C GLY C 38 -27.34 -24.71 -38.21
N TYR C 39 -26.79 -23.75 -37.45
CA TYR C 39 -27.31 -22.38 -37.39
C TYR C 39 -27.23 -21.65 -38.74
N MET C 40 -26.02 -21.56 -39.30
CA MET C 40 -25.78 -20.85 -40.57
C MET C 40 -26.59 -21.41 -41.73
N ALA C 41 -26.67 -22.74 -41.82
CA ALA C 41 -27.43 -23.43 -42.87
C ALA C 41 -28.94 -23.17 -42.80
N LEU C 42 -29.53 -23.33 -41.61
CA LEU C 42 -30.96 -23.08 -41.38
C LEU C 42 -31.39 -21.63 -41.51
N MET C 43 -30.51 -20.69 -41.20
CA MET C 43 -30.83 -19.27 -41.33
C MET C 43 -30.81 -18.82 -42.80
N LYS C 44 -29.89 -19.37 -43.58
CA LYS C 44 -29.83 -19.14 -45.02
C LYS C 44 -31.05 -19.74 -45.74
N GLU C 45 -31.44 -20.95 -45.36
CA GLU C 45 -32.56 -21.68 -45.99
C GLU C 45 -33.94 -21.23 -45.50
N ASP C 46 -34.13 -21.19 -44.18
CA ASP C 46 -35.44 -20.92 -43.58
C ASP C 46 -35.68 -19.45 -43.17
N GLY C 47 -34.66 -18.61 -43.31
CA GLY C 47 -34.78 -17.18 -43.04
C GLY C 47 -34.64 -16.80 -41.58
N VAL C 48 -34.59 -15.49 -41.34
CA VAL C 48 -34.38 -14.90 -40.01
C VAL C 48 -35.59 -14.02 -39.64
N PRO C 49 -35.69 -13.53 -38.38
CA PRO C 49 -36.80 -12.60 -38.05
C PRO C 49 -36.70 -11.26 -38.78
N ASP C 50 -37.80 -10.52 -38.81
CA ASP C 50 -37.93 -9.25 -39.55
C ASP C 50 -36.83 -8.23 -39.27
N ASP C 51 -36.53 -8.00 -37.98
CA ASP C 51 -35.53 -7.01 -37.56
C ASP C 51 -34.07 -7.47 -37.65
N MET C 52 -33.87 -8.70 -38.10
CA MET C 52 -32.55 -9.33 -38.11
C MET C 52 -31.96 -9.50 -39.53
N LYS C 53 -32.74 -9.12 -40.53
CA LYS C 53 -32.33 -9.26 -41.94
C LYS C 53 -31.13 -8.39 -42.28
N GLY C 54 -30.08 -9.03 -42.81
CA GLY C 54 -28.82 -8.37 -43.16
C GLY C 54 -27.98 -8.00 -41.95
N LYS C 55 -28.05 -8.85 -40.92
CA LYS C 55 -27.28 -8.70 -39.70
C LYS C 55 -26.69 -10.06 -39.30
N ASP C 56 -27.03 -11.10 -40.07
CA ASP C 56 -26.61 -12.46 -39.73
C ASP C 56 -25.16 -12.78 -40.13
N LYS C 57 -24.61 -12.02 -41.07
CA LYS C 57 -23.18 -12.09 -41.40
C LYS C 57 -22.35 -11.67 -40.18
N ILE C 58 -22.79 -10.56 -39.57
CA ILE C 58 -22.21 -10.00 -38.35
C ILE C 58 -22.24 -11.00 -37.18
N VAL C 59 -23.27 -11.84 -37.14
CA VAL C 59 -23.44 -12.85 -36.09
C VAL C 59 -22.31 -13.89 -36.09
N PHE C 60 -21.91 -14.36 -37.26
CA PHE C 60 -20.97 -15.49 -37.34
C PHE C 60 -19.52 -15.13 -37.67
N GLY C 61 -19.29 -13.89 -38.10
CA GLY C 61 -17.96 -13.43 -38.51
C GLY C 61 -17.39 -14.36 -39.57
N ASN C 62 -16.24 -14.95 -39.26
CA ASN C 62 -15.55 -15.86 -40.18
C ASN C 62 -15.37 -17.27 -39.61
N ILE C 63 -16.37 -17.72 -38.82
CA ILE C 63 -16.36 -19.07 -38.23
C ILE C 63 -16.36 -20.20 -39.30
N HIS C 64 -16.93 -19.94 -40.48
CA HIS C 64 -16.93 -20.91 -41.60
C HIS C 64 -15.51 -21.19 -42.10
N GLN C 65 -14.72 -20.12 -42.25
CA GLN C 65 -13.30 -20.20 -42.63
C GLN C 65 -12.52 -21.05 -41.61
N ILE C 66 -12.76 -20.79 -40.32
CA ILE C 66 -12.13 -21.51 -39.20
C ILE C 66 -12.50 -23.00 -39.24
N TYR C 67 -13.80 -23.27 -39.36
CA TYR C 67 -14.35 -24.64 -39.35
C TYR C 67 -13.80 -25.51 -40.49
N ASP C 68 -13.73 -24.94 -41.70
CA ASP C 68 -13.19 -25.63 -42.88
C ASP C 68 -11.75 -26.09 -42.67
N TRP C 69 -10.93 -25.20 -42.10
CA TRP C 69 -9.51 -25.45 -41.89
C TRP C 69 -9.24 -26.54 -40.87
N HIS C 70 -10.00 -26.52 -39.77
CA HIS C 70 -9.85 -27.50 -38.70
C HIS C 70 -10.34 -28.90 -39.07
N ARG C 71 -11.46 -28.96 -39.79
CA ARG C 71 -12.01 -30.22 -40.27
C ARG C 71 -11.18 -30.84 -41.41
N ASP C 72 -10.88 -30.04 -42.45
CA ASP C 72 -10.21 -30.55 -43.66
C ASP C 72 -8.70 -30.78 -43.48
N PHE C 73 -8.06 -30.02 -42.59
CA PHE C 73 -6.60 -30.03 -42.49
C PHE C 73 -6.04 -30.30 -41.10
N PHE C 74 -6.42 -29.48 -40.11
CA PHE C 74 -5.73 -29.43 -38.82
C PHE C 74 -6.01 -30.59 -37.85
N LEU C 75 -7.21 -31.15 -37.90
CA LEU C 75 -7.54 -32.35 -37.10
C LEU C 75 -6.70 -33.55 -37.56
N GLY C 76 -6.57 -33.71 -38.88
CA GLY C 76 -5.72 -34.73 -39.49
C GLY C 76 -4.25 -34.62 -39.13
N GLU C 77 -3.75 -33.38 -39.05
CA GLU C 77 -2.37 -33.11 -38.65
C GLU C 77 -2.12 -33.39 -37.16
N LEU C 78 -3.09 -33.03 -36.31
CA LEU C 78 -3.01 -33.29 -34.87
C LEU C 78 -3.17 -34.77 -34.51
N GLU C 79 -3.97 -35.50 -35.28
CA GLU C 79 -4.15 -36.95 -35.10
C GLU C 79 -2.88 -37.75 -35.44
N LYS C 80 -2.01 -37.17 -36.27
CA LYS C 80 -0.70 -37.74 -36.60
C LYS C 80 0.26 -37.74 -35.41
N CYS C 81 0.11 -36.74 -34.54
CA CYS C 81 0.98 -36.53 -33.38
C CYS C 81 0.86 -37.59 -32.29
N LEU C 82 -0.26 -38.31 -32.26
CA LEU C 82 -0.49 -39.43 -31.34
C LEU C 82 0.60 -40.50 -31.41
N GLU C 83 1.05 -40.79 -32.63
CA GLU C 83 2.11 -41.78 -32.88
C GLU C 83 3.48 -41.14 -33.16
N ASP C 84 3.48 -39.83 -33.42
CA ASP C 84 4.72 -39.08 -33.68
C ASP C 84 4.68 -37.71 -32.96
N PRO C 85 5.07 -37.68 -31.66
CA PRO C 85 4.96 -36.47 -30.82
C PRO C 85 5.92 -35.33 -31.18
N GLU C 86 7.00 -35.63 -31.89
CA GLU C 86 7.99 -34.64 -32.30
C GLU C 86 7.48 -33.66 -33.37
N LYS C 87 6.50 -34.11 -34.15
CA LYS C 87 5.85 -33.32 -35.19
C LYS C 87 5.04 -32.13 -34.63
N LEU C 88 4.63 -32.24 -33.36
CA LEU C 88 3.73 -31.28 -32.71
C LEU C 88 4.26 -29.84 -32.65
N GLY C 89 5.51 -29.69 -32.25
CA GLY C 89 6.18 -28.38 -32.21
C GLY C 89 6.22 -27.68 -33.56
N SER C 90 6.51 -28.46 -34.61
CA SER C 90 6.58 -27.96 -35.98
C SER C 90 5.26 -27.38 -36.50
N LEU C 91 4.15 -28.04 -36.17
CA LEU C 91 2.82 -27.69 -36.69
C LEU C 91 2.40 -26.25 -36.39
N PHE C 92 2.62 -25.82 -35.14
CA PHE C 92 2.24 -24.49 -34.69
C PHE C 92 3.16 -23.39 -35.22
N VAL C 93 4.44 -23.71 -35.39
CA VAL C 93 5.42 -22.81 -36.02
C VAL C 93 5.06 -22.62 -37.50
N LYS C 94 4.84 -23.75 -38.19
CA LYS C 94 4.55 -23.80 -39.63
C LYS C 94 3.24 -23.10 -39.99
N HIS C 95 2.20 -23.33 -39.20
CA HIS C 95 0.85 -22.84 -39.51
C HIS C 95 0.42 -21.62 -38.70
N GLU C 96 1.40 -20.82 -38.27
CA GLU C 96 1.14 -19.61 -37.50
C GLU C 96 0.20 -18.63 -38.21
N ARG C 97 0.44 -18.44 -39.50
CA ARG C 97 -0.30 -17.46 -40.30
C ARG C 97 -1.77 -17.81 -40.52
N ARG C 98 -2.10 -19.10 -40.51
CA ARG C 98 -3.49 -19.55 -40.55
C ARG C 98 -4.18 -19.29 -39.21
N LEU C 99 -3.42 -19.35 -38.12
CA LEU C 99 -3.95 -19.09 -36.77
C LEU C 99 -4.33 -17.62 -36.54
N HIS C 100 -4.01 -16.77 -37.51
CA HIS C 100 -4.38 -15.35 -37.50
C HIS C 100 -5.86 -15.12 -37.85
N MET C 101 -6.54 -16.17 -38.31
CA MET C 101 -7.99 -16.17 -38.52
C MET C 101 -8.73 -15.79 -37.26
N TYR C 102 -8.22 -16.28 -36.13
CA TYR C 102 -8.81 -16.09 -34.82
C TYR C 102 -8.84 -14.64 -34.36
N ILE C 103 -7.83 -13.86 -34.78
CA ILE C 103 -7.76 -12.41 -34.54
C ILE C 103 -9.00 -11.74 -35.12
N ALA C 104 -9.28 -11.99 -36.41
CA ALA C 104 -10.45 -11.43 -37.08
C ALA C 104 -11.76 -11.79 -36.38
N TYR C 105 -11.91 -13.07 -36.00
CA TYR C 105 -13.08 -13.58 -35.29
C TYR C 105 -13.34 -12.85 -33.98
N CYS C 106 -12.27 -12.73 -33.19
CA CYS C 106 -12.30 -12.06 -31.89
C CYS C 106 -12.67 -10.59 -31.99
N GLN C 107 -12.14 -9.91 -33.00
CA GLN C 107 -12.45 -8.50 -33.26
C GLN C 107 -13.93 -8.27 -33.55
N ASN C 108 -14.52 -9.21 -34.28
CA ASN C 108 -15.93 -9.13 -34.64
C ASN C 108 -16.87 -9.51 -33.49
N LYS C 109 -16.41 -10.44 -32.67
CA LYS C 109 -17.18 -11.05 -31.56
C LYS C 109 -18.05 -10.11 -30.68
N PRO C 110 -17.57 -8.89 -30.32
CA PRO C 110 -18.47 -7.97 -29.62
C PRO C 110 -19.73 -7.59 -30.41
N LYS C 111 -19.59 -7.36 -31.71
CA LYS C 111 -20.73 -7.03 -32.60
C LYS C 111 -21.70 -8.21 -32.72
N SER C 112 -21.14 -9.42 -32.72
CA SER C 112 -21.91 -10.67 -32.71
C SER C 112 -22.76 -10.79 -31.46
N GLU C 113 -22.12 -10.60 -30.30
CA GLU C 113 -22.77 -10.62 -28.97
C GLU C 113 -24.01 -9.75 -28.86
N HIS C 114 -23.92 -8.51 -29.35
CA HIS C 114 -25.03 -7.56 -29.33
C HIS C 114 -26.31 -8.10 -29.97
N ILE C 115 -26.17 -8.74 -31.14
CA ILE C 115 -27.32 -9.32 -31.85
C ILE C 115 -27.81 -10.61 -31.16
N VAL C 116 -26.87 -11.45 -30.74
CA VAL C 116 -27.15 -12.74 -30.11
C VAL C 116 -27.86 -12.57 -28.75
N SER C 117 -27.47 -11.54 -27.99
CA SER C 117 -28.08 -11.25 -26.69
C SER C 117 -29.57 -10.90 -26.77
N GLU C 118 -29.98 -10.24 -27.87
CA GLU C 118 -31.37 -9.84 -28.09
C GLU C 118 -32.30 -11.03 -28.42
N TYR C 119 -31.76 -12.03 -29.12
CA TYR C 119 -32.57 -13.15 -29.64
C TYR C 119 -32.35 -14.51 -28.99
N ILE C 120 -31.44 -14.57 -28.02
CA ILE C 120 -31.02 -15.84 -27.37
C ILE C 120 -32.17 -16.66 -26.74
N ASP C 121 -33.20 -15.99 -26.26
CA ASP C 121 -34.35 -16.65 -25.64
C ASP C 121 -35.55 -16.80 -26.58
N THR C 122 -35.50 -16.11 -27.72
CA THR C 122 -36.57 -16.17 -28.71
C THR C 122 -36.14 -17.00 -29.94
N PHE C 123 -35.57 -16.34 -30.95
CA PHE C 123 -35.24 -16.98 -32.23
C PHE C 123 -34.18 -18.08 -32.13
N PHE C 124 -33.09 -17.83 -31.41
CA PHE C 124 -31.99 -18.80 -31.33
C PHE C 124 -32.27 -20.00 -30.42
N GLU C 125 -33.26 -19.86 -29.53
CA GLU C 125 -33.76 -20.97 -28.72
C GLU C 125 -34.56 -21.91 -29.60
N ASP C 126 -35.43 -21.34 -30.43
CA ASP C 126 -36.20 -22.08 -31.42
C ASP C 126 -35.31 -22.93 -32.32
N LEU C 127 -34.16 -22.37 -32.73
CA LEU C 127 -33.19 -23.11 -33.54
C LEU C 127 -32.46 -24.20 -32.76
N LYS C 128 -32.19 -23.94 -31.48
CA LYS C 128 -31.59 -24.95 -30.58
C LYS C 128 -32.51 -26.17 -30.44
N GLN C 129 -33.81 -25.91 -30.30
CA GLN C 129 -34.84 -26.94 -30.18
C GLN C 129 -34.88 -27.85 -31.40
N ARG C 130 -34.98 -27.23 -32.58
CA ARG C 130 -35.00 -27.90 -33.88
C ARG C 130 -33.72 -28.72 -34.17
N LEU C 131 -32.56 -28.17 -33.82
CA LEU C 131 -31.28 -28.83 -34.05
C LEU C 131 -30.89 -29.89 -32.99
N GLY C 132 -31.54 -29.86 -31.83
CA GLY C 132 -31.31 -30.81 -30.74
C GLY C 132 -29.94 -30.70 -30.09
N HIS C 133 -29.47 -29.46 -29.94
CA HIS C 133 -28.16 -29.16 -29.38
C HIS C 133 -28.15 -29.13 -27.86
N ARG C 134 -27.03 -29.58 -27.29
CA ARG C 134 -26.76 -29.45 -25.86
C ARG C 134 -26.54 -27.99 -25.46
N LEU C 135 -25.67 -27.29 -26.21
CA LEU C 135 -25.30 -25.90 -25.87
C LEU C 135 -26.13 -24.85 -26.59
N GLN C 136 -26.26 -23.68 -25.98
CA GLN C 136 -26.85 -22.49 -26.62
C GLN C 136 -25.84 -21.88 -27.61
N LEU C 137 -26.31 -20.94 -28.44
CA LEU C 137 -25.46 -20.29 -29.44
C LEU C 137 -24.31 -19.48 -28.82
N THR C 138 -24.60 -18.79 -27.72
CA THR C 138 -23.61 -18.00 -26.97
C THR C 138 -22.39 -18.85 -26.59
N ASP C 139 -22.66 -20.08 -26.15
CA ASP C 139 -21.63 -21.03 -25.73
C ASP C 139 -20.95 -21.77 -26.88
N LEU C 140 -21.55 -21.74 -28.07
CA LEU C 140 -20.92 -22.29 -29.27
C LEU C 140 -20.04 -21.23 -29.95
N LEU C 141 -20.47 -19.97 -29.88
CA LEU C 141 -19.72 -18.88 -30.46
C LEU C 141 -18.46 -18.47 -29.68
N ILE C 142 -18.40 -18.84 -28.40
CA ILE C 142 -17.21 -18.60 -27.57
C ILE C 142 -16.12 -19.66 -27.85
N LYS C 143 -16.51 -20.80 -28.41
CA LYS C 143 -15.60 -21.94 -28.63
C LYS C 143 -14.26 -21.68 -29.37
N PRO C 144 -14.25 -20.83 -30.44
CA PRO C 144 -12.94 -20.50 -31.05
C PRO C 144 -12.03 -19.65 -30.16
N VAL C 145 -12.65 -18.78 -29.35
CA VAL C 145 -11.92 -17.96 -28.38
C VAL C 145 -11.22 -18.87 -27.37
N GLN C 146 -11.97 -19.85 -26.84
CA GLN C 146 -11.47 -20.80 -25.85
C GLN C 146 -10.39 -21.73 -26.40
N ARG C 147 -10.54 -22.18 -27.64
CA ARG C 147 -9.61 -23.13 -28.28
C ARG C 147 -8.19 -22.59 -28.42
N ILE C 148 -8.07 -21.33 -28.85
CA ILE C 148 -6.75 -20.69 -28.97
C ILE C 148 -6.09 -20.47 -27.58
N MET C 149 -6.92 -20.21 -26.56
CA MET C 149 -6.44 -20.06 -25.18
C MET C 149 -6.14 -21.40 -24.51
N LYS C 150 -6.69 -22.47 -25.07
CA LYS C 150 -6.42 -23.84 -24.62
C LYS C 150 -5.11 -24.39 -25.21
N TYR C 151 -4.85 -24.06 -26.48
CA TYR C 151 -3.56 -24.37 -27.12
C TYR C 151 -2.38 -23.81 -26.33
N GLN C 152 -2.50 -22.53 -25.94
CA GLN C 152 -1.47 -21.79 -25.19
C GLN C 152 -1.11 -22.47 -23.87
N LEU C 153 -2.12 -22.90 -23.12
CA LEU C 153 -1.92 -23.59 -21.84
C LEU C 153 -1.37 -25.01 -22.01
N LEU C 154 -1.95 -25.77 -22.95
CA LEU C 154 -1.52 -27.15 -23.22
C LEU C 154 -0.08 -27.26 -23.73
N LEU C 155 0.29 -26.40 -24.68
CA LEU C 155 1.66 -26.38 -25.21
C LEU C 155 2.70 -25.91 -24.20
N LYS C 156 2.31 -24.99 -23.31
CA LYS C 156 3.14 -24.56 -22.18
C LYS C 156 3.45 -25.71 -21.23
N ASP C 157 2.44 -26.53 -20.94
CA ASP C 157 2.60 -27.75 -20.13
C ASP C 157 3.40 -28.83 -20.85
N PHE C 158 3.09 -29.05 -22.13
CA PHE C 158 3.82 -29.99 -22.99
C PHE C 158 5.32 -29.64 -23.08
N LEU C 159 5.63 -28.34 -23.05
CA LEU C 159 7.01 -27.84 -22.99
C LEU C 159 7.62 -28.01 -21.59
N LYS C 160 6.84 -27.69 -20.55
CA LYS C 160 7.28 -27.73 -19.15
C LYS C 160 7.69 -29.13 -18.69
N TYR C 161 6.94 -30.14 -19.14
CA TYR C 161 7.23 -31.53 -18.80
C TYR C 161 8.31 -32.17 -19.69
N SER C 162 8.52 -31.61 -20.88
CA SER C 162 9.57 -32.05 -21.80
C SER C 162 10.99 -31.64 -21.32
N LYS C 163 11.10 -30.45 -20.73
CA LYS C 163 12.33 -29.97 -20.11
C LYS C 163 12.70 -30.77 -18.87
N LYS C 164 11.68 -31.18 -18.11
CA LYS C 164 11.84 -32.09 -16.96
C LYS C 164 12.30 -33.48 -17.39
N ALA C 165 11.80 -33.94 -18.55
CA ALA C 165 12.16 -35.23 -19.13
C ALA C 165 13.55 -35.27 -19.80
N SER C 166 14.17 -34.09 -19.93
CA SER C 166 15.49 -33.88 -20.57
C SER C 166 15.53 -34.34 -22.04
N LEU C 167 14.44 -34.08 -22.75
CA LEU C 167 14.37 -34.29 -24.20
C LEU C 167 14.50 -32.95 -24.93
N ASP C 168 14.61 -33.00 -26.25
CA ASP C 168 14.76 -31.79 -27.07
C ASP C 168 13.49 -30.93 -27.09
N THR C 169 13.69 -29.63 -26.95
CA THR C 169 12.60 -28.66 -26.79
C THR C 169 12.70 -27.45 -27.74
N SER C 170 13.71 -27.44 -28.61
CA SER C 170 14.01 -26.30 -29.48
C SER C 170 12.86 -25.91 -30.42
N GLU C 171 12.31 -26.92 -31.10
CA GLU C 171 11.14 -26.76 -31.96
C GLU C 171 9.91 -26.36 -31.15
N LEU C 172 9.81 -26.90 -29.94
CA LEU C 172 8.68 -26.69 -29.03
C LEU C 172 8.68 -25.31 -28.39
N GLU C 173 9.88 -24.79 -28.08
CA GLU C 173 10.08 -23.45 -27.51
C GLU C 173 9.63 -22.34 -28.45
N ARG C 174 9.82 -22.57 -29.75
CA ARG C 174 9.37 -21.64 -30.79
C ARG C 174 7.85 -21.67 -30.96
N ALA C 175 7.27 -22.86 -30.75
CA ALA C 175 5.81 -23.07 -30.84
C ALA C 175 5.02 -22.38 -29.72
N VAL C 176 5.63 -22.30 -28.54
CA VAL C 176 5.05 -21.60 -27.38
C VAL C 176 5.13 -20.08 -27.58
N GLU C 177 6.29 -19.60 -28.03
CA GLU C 177 6.48 -18.19 -28.44
C GLU C 177 5.43 -17.71 -29.46
N VAL C 178 5.06 -18.60 -30.38
CA VAL C 178 3.95 -18.39 -31.32
C VAL C 178 2.65 -18.28 -30.55
N MET C 179 2.39 -19.27 -29.70
CA MET C 179 1.14 -19.36 -28.95
C MET C 179 1.06 -18.43 -27.75
N CYS C 180 1.98 -17.48 -27.68
CA CYS C 180 1.86 -16.31 -26.81
C CYS C 180 1.35 -15.12 -27.60
N ILE C 181 2.01 -14.82 -28.73
CA ILE C 181 1.68 -13.71 -29.64
C ILE C 181 0.21 -13.78 -30.10
N VAL C 182 -0.22 -14.95 -30.56
CA VAL C 182 -1.54 -15.12 -31.18
C VAL C 182 -2.71 -14.87 -30.21
N PRO C 183 -2.74 -15.56 -29.03
CA PRO C 183 -3.84 -15.32 -28.09
C PRO C 183 -3.86 -13.90 -27.50
N ARG C 184 -2.68 -13.33 -27.28
CA ARG C 184 -2.59 -11.95 -26.78
C ARG C 184 -3.08 -10.92 -27.79
N ARG C 185 -2.83 -11.17 -29.07
CA ARG C 185 -3.34 -10.30 -30.13
C ARG C 185 -4.85 -10.45 -30.33
N CYS C 186 -5.36 -11.66 -30.11
CA CYS C 186 -6.80 -11.95 -30.08
C CYS C 186 -7.55 -11.17 -29.00
N ASN C 187 -6.98 -11.14 -27.79
CA ASN C 187 -7.54 -10.36 -26.67
C ASN C 187 -7.50 -8.88 -26.96
N ASP C 188 -6.39 -8.44 -27.55
CA ASP C 188 -6.17 -7.04 -27.89
C ASP C 188 -7.25 -6.52 -28.83
N MET C 189 -7.47 -7.26 -29.91
CA MET C 189 -8.38 -6.80 -30.96
C MET C 189 -9.83 -6.88 -30.54
N MET C 190 -10.16 -7.90 -29.73
CA MET C 190 -11.50 -8.03 -29.12
C MET C 190 -11.81 -6.85 -28.21
N ASN C 191 -10.80 -6.42 -27.43
CA ASN C 191 -10.94 -5.23 -26.59
C ASN C 191 -11.10 -3.96 -27.45
N VAL C 192 -10.35 -3.87 -28.55
CA VAL C 192 -10.54 -2.81 -29.54
C VAL C 192 -12.01 -2.82 -30.00
N GLY C 193 -12.54 -4.01 -30.30
CA GLY C 193 -13.94 -4.20 -30.64
C GLY C 193 -14.95 -3.81 -29.56
N ARG C 194 -14.47 -3.63 -28.33
CA ARG C 194 -15.34 -3.25 -27.21
C ARG C 194 -15.30 -1.75 -26.89
N LEU C 195 -14.47 -1.02 -27.65
CA LEU C 195 -14.34 0.43 -27.51
C LEU C 195 -15.57 1.14 -28.06
N GLN C 196 -16.28 1.85 -27.20
CA GLN C 196 -17.45 2.64 -27.58
C GLN C 196 -17.19 4.15 -27.46
N GLY C 197 -17.82 4.92 -28.34
CA GLY C 197 -17.74 6.37 -28.32
C GLY C 197 -16.65 7.03 -29.15
N PHE C 198 -15.74 6.22 -29.70
CA PHE C 198 -14.68 6.73 -30.57
C PHE C 198 -15.18 7.02 -31.98
N ASP C 199 -15.08 8.28 -32.38
CA ASP C 199 -15.44 8.75 -33.73
C ASP C 199 -14.23 8.65 -34.66
N GLY C 200 -14.41 7.93 -35.77
CA GLY C 200 -13.30 7.62 -36.68
C GLY C 200 -13.03 6.13 -36.75
N LYS C 201 -12.74 5.66 -37.96
CA LYS C 201 -12.54 4.23 -38.25
C LYS C 201 -11.23 3.70 -37.68
N ILE C 202 -11.32 2.52 -37.07
CA ILE C 202 -10.19 1.77 -36.48
C ILE C 202 -9.13 1.42 -37.55
N VAL C 203 -9.62 1.06 -38.74
CA VAL C 203 -8.79 0.75 -39.92
C VAL C 203 -7.84 1.91 -40.26
N ALA C 204 -8.38 3.13 -40.26
CA ALA C 204 -7.65 4.35 -40.61
C ALA C 204 -6.60 4.80 -39.56
N GLN C 205 -6.43 4.02 -38.49
CA GLN C 205 -5.49 4.37 -37.43
C GLN C 205 -4.17 3.57 -37.47
N GLY C 206 -4.02 2.72 -38.49
CA GLY C 206 -2.85 1.86 -38.63
C GLY C 206 -2.82 0.70 -37.64
N LYS C 207 -1.75 -0.08 -37.68
CA LYS C 207 -1.55 -1.23 -36.79
C LYS C 207 -1.67 -0.86 -35.31
N LEU C 208 -2.40 -1.68 -34.55
CA LEU C 208 -2.33 -1.62 -33.10
C LEU C 208 -0.96 -2.14 -32.68
N LEU C 209 -0.24 -1.31 -31.93
CA LEU C 209 1.09 -1.64 -31.45
C LEU C 209 1.09 -2.16 -30.01
N LEU C 210 0.44 -1.43 -29.12
CA LEU C 210 0.37 -1.80 -27.71
C LEU C 210 -0.96 -1.46 -27.05
N GLN C 211 -1.27 -2.21 -26.00
CA GLN C 211 -2.48 -2.06 -25.23
C GLN C 211 -2.15 -2.40 -23.78
N ASP C 212 -2.41 -1.46 -22.88
CA ASP C 212 -2.22 -1.65 -21.44
C ASP C 212 -3.06 -0.66 -20.63
N THR C 213 -3.31 -1.00 -19.37
CA THR C 213 -4.04 -0.13 -18.46
C THR C 213 -3.05 0.61 -17.54
N PHE C 214 -3.29 1.90 -17.40
CA PHE C 214 -2.48 2.77 -16.56
C PHE C 214 -3.40 3.54 -15.60
N LEU C 215 -2.88 3.85 -14.41
CA LEU C 215 -3.43 4.94 -13.62
C LEU C 215 -2.95 6.24 -14.28
N VAL C 216 -3.90 7.09 -14.67
CA VAL C 216 -3.62 8.28 -15.46
C VAL C 216 -4.06 9.54 -14.70
N THR C 217 -3.13 10.48 -14.57
CA THR C 217 -3.38 11.80 -13.98
C THR C 217 -3.21 12.87 -15.05
N ASP C 218 -4.13 13.83 -15.05
CA ASP C 218 -4.05 15.01 -15.94
C ASP C 218 -4.08 16.32 -15.17
N GLN C 219 -3.55 17.38 -15.80
CA GLN C 219 -3.62 18.73 -15.23
C GLN C 219 -4.20 19.73 -16.24
N ARG C 226 -6.33 13.71 -8.98
CA ARG C 226 -6.61 12.31 -8.73
C ARG C 226 -6.39 11.47 -9.99
N CYS C 227 -5.67 10.36 -9.81
CA CYS C 227 -5.40 9.41 -10.89
C CYS C 227 -6.58 8.45 -11.07
N ARG C 228 -6.88 8.14 -12.33
CA ARG C 228 -7.99 7.24 -12.69
C ARG C 228 -7.51 6.21 -13.71
N GLU C 229 -8.15 5.05 -13.74
CA GLU C 229 -7.82 3.99 -14.71
C GLU C 229 -8.17 4.39 -16.14
N ARG C 230 -7.22 4.14 -17.03
CA ARG C 230 -7.41 4.26 -18.47
C ARG C 230 -6.74 3.08 -19.17
N ARG C 231 -7.52 2.40 -20.01
CA ARG C 231 -6.97 1.46 -20.98
C ARG C 231 -6.46 2.30 -22.15
N ILE C 232 -5.18 2.14 -22.47
CA ILE C 232 -4.55 2.95 -23.50
C ILE C 232 -4.21 2.10 -24.72
N PHE C 233 -4.74 2.53 -25.87
CA PHE C 233 -4.53 1.87 -27.15
C PHE C 233 -3.52 2.66 -27.98
N LEU C 234 -2.34 2.07 -28.17
CA LEU C 234 -1.33 2.67 -29.03
C LEU C 234 -1.43 2.09 -30.43
N PHE C 235 -2.03 2.89 -31.31
CA PHE C 235 -2.00 2.65 -32.76
C PHE C 235 -0.84 3.41 -33.38
N GLU C 236 -0.59 3.17 -34.66
CA GLU C 236 0.50 3.83 -35.40
C GLU C 236 0.25 5.31 -35.66
N GLN C 237 -1.03 5.69 -35.72
CA GLN C 237 -1.43 7.08 -36.03
C GLN C 237 -2.03 7.83 -34.85
N ILE C 238 -2.40 7.13 -33.77
CA ILE C 238 -3.13 7.73 -32.65
C ILE C 238 -2.94 6.98 -31.32
N VAL C 239 -2.99 7.72 -30.22
CA VAL C 239 -3.00 7.19 -28.85
C VAL C 239 -4.43 7.41 -28.31
N ILE C 240 -5.10 6.32 -27.92
CA ILE C 240 -6.50 6.37 -27.45
C ILE C 240 -6.66 6.08 -25.95
N PHE C 241 -7.19 7.07 -25.23
CA PHE C 241 -7.44 6.96 -23.79
C PHE C 241 -8.89 6.56 -23.57
N SER C 242 -9.10 5.46 -22.84
CA SER C 242 -10.44 4.97 -22.57
C SER C 242 -10.63 4.55 -21.11
N GLU C 243 -11.79 4.89 -20.54
CA GLU C 243 -12.18 4.39 -19.23
C GLU C 243 -12.63 2.94 -19.35
N PRO C 244 -12.04 2.03 -18.55
CA PRO C 244 -12.58 0.67 -18.51
C PRO C 244 -13.92 0.65 -17.76
N LEU C 245 -14.94 0.05 -18.38
CA LEU C 245 -16.28 0.02 -17.82
C LEU C 245 -16.54 -1.28 -17.08
N ASP C 246 -17.59 -1.27 -16.24
CA ASP C 246 -18.14 -2.50 -15.69
C ASP C 246 -18.89 -3.23 -16.79
N LYS C 247 -18.81 -4.56 -16.79
CA LYS C 247 -19.52 -5.42 -17.74
C LYS C 247 -21.04 -5.27 -17.66
N LYS C 248 -21.67 -5.05 -18.81
CA LYS C 248 -23.14 -4.96 -18.92
C LYS C 248 -23.81 -6.23 -19.44
N LYS C 249 -25.05 -6.44 -19.00
CA LYS C 249 -25.88 -7.62 -19.26
C LYS C 249 -25.96 -8.01 -20.74
N GLY C 250 -25.54 -9.25 -21.04
CA GLY C 250 -25.58 -9.81 -22.39
C GLY C 250 -24.26 -9.87 -23.14
N PHE C 251 -23.22 -9.23 -22.59
CA PHE C 251 -21.91 -9.12 -23.22
C PHE C 251 -20.88 -9.85 -22.38
N SER C 252 -20.13 -10.77 -23.00
CA SER C 252 -19.24 -11.70 -22.28
C SER C 252 -18.05 -11.06 -21.55
N MET C 253 -17.61 -9.90 -22.02
CA MET C 253 -16.50 -9.16 -21.40
C MET C 253 -16.89 -7.69 -21.12
N PRO C 254 -16.21 -7.04 -20.14
CA PRO C 254 -16.40 -5.60 -19.95
C PRO C 254 -15.81 -4.76 -21.08
N GLY C 255 -16.47 -3.64 -21.39
CA GLY C 255 -16.06 -2.73 -22.46
C GLY C 255 -15.25 -1.52 -22.02
N PHE C 256 -15.09 -0.58 -22.94
CA PHE C 256 -14.26 0.62 -22.73
C PHE C 256 -14.93 1.83 -23.37
N LEU C 257 -14.94 2.95 -22.64
CA LEU C 257 -15.54 4.20 -23.12
C LEU C 257 -14.48 5.22 -23.46
N PHE C 258 -14.57 5.79 -24.66
CA PHE C 258 -13.61 6.81 -25.14
C PHE C 258 -13.64 8.09 -24.30
N LYS C 259 -12.44 8.55 -23.93
CA LYS C 259 -12.28 9.76 -23.13
C LYS C 259 -11.52 10.89 -23.85
N ASN C 260 -10.33 10.58 -24.38
CA ASN C 260 -9.52 11.52 -25.19
C ASN C 260 -8.48 10.80 -26.06
N SER C 261 -7.95 11.50 -27.07
CA SER C 261 -6.93 10.95 -27.96
C SER C 261 -5.83 11.97 -28.33
N ILE C 262 -4.62 11.46 -28.58
CA ILE C 262 -3.48 12.26 -29.08
C ILE C 262 -2.95 11.61 -30.36
N LYS C 263 -2.89 12.40 -31.44
CA LYS C 263 -2.26 11.99 -32.70
C LYS C 263 -0.74 11.88 -32.51
N VAL C 264 -0.11 11.00 -33.29
CA VAL C 264 1.35 10.74 -33.18
C VAL C 264 2.18 11.95 -33.65
N SER C 265 1.68 12.69 -34.63
CA SER C 265 2.32 13.94 -35.09
C SER C 265 2.16 15.11 -34.10
N CYS C 266 1.30 14.93 -33.09
CA CYS C 266 1.08 15.92 -32.03
C CYS C 266 1.66 15.49 -30.67
N LEU C 267 2.37 14.36 -30.68
CA LEU C 267 2.77 13.65 -29.46
C LEU C 267 4.21 13.97 -29.02
N CYS C 268 4.38 14.12 -27.71
CA CYS C 268 5.70 14.24 -27.06
C CYS C 268 5.79 13.31 -25.85
N LEU C 269 6.96 12.68 -25.70
CA LEU C 269 7.26 11.79 -24.59
C LEU C 269 8.27 12.43 -23.63
N GLU C 270 7.90 12.45 -22.34
CA GLU C 270 8.85 12.75 -21.27
C GLU C 270 9.07 11.46 -20.51
N GLU C 271 10.26 10.89 -20.65
CA GLU C 271 10.60 9.57 -20.11
C GLU C 271 10.63 9.48 -18.58
N ASN C 272 11.13 10.53 -17.92
CA ASN C 272 11.30 10.53 -16.47
C ASN C 272 10.29 11.41 -15.75
N VAL C 273 9.43 10.76 -14.96
CA VAL C 273 8.53 11.45 -14.05
C VAL C 273 8.88 11.01 -12.63
N GLU C 274 9.32 11.98 -11.82
CA GLU C 274 9.58 11.81 -10.38
C GLU C 274 10.59 10.71 -10.02
N ASN C 275 11.45 10.37 -10.99
CA ASN C 275 12.43 9.26 -10.92
C ASN C 275 11.81 7.88 -10.66
N ASP C 276 10.52 7.75 -10.96
CA ASP C 276 9.76 6.52 -10.76
C ASP C 276 9.98 5.55 -11.94
N PRO C 277 10.48 4.32 -11.66
CA PRO C 277 10.68 3.31 -12.71
C PRO C 277 9.38 2.80 -13.37
N CYS C 278 8.23 3.24 -12.88
CA CYS C 278 6.92 2.83 -13.42
C CYS C 278 6.14 3.93 -14.14
N LYS C 279 6.58 5.18 -14.02
CA LYS C 279 5.84 6.33 -14.55
C LYS C 279 6.50 6.96 -15.78
N PHE C 280 5.66 7.56 -16.63
CA PHE C 280 6.10 8.45 -17.74
C PHE C 280 5.00 9.43 -18.15
N ALA C 281 5.33 10.35 -19.07
CA ALA C 281 4.41 11.43 -19.44
C ALA C 281 4.23 11.58 -20.95
N LEU C 282 3.00 11.91 -21.34
CA LEU C 282 2.65 12.14 -22.74
C LEU C 282 1.99 13.50 -22.94
N THR C 283 2.50 14.24 -23.91
CA THR C 283 2.07 15.62 -24.19
C THR C 283 1.38 15.72 -25.57
N SER C 284 0.26 16.43 -25.59
CA SER C 284 -0.51 16.69 -26.82
C SER C 284 -0.31 18.15 -27.24
N ARG C 285 0.00 18.35 -28.52
CA ARG C 285 0.33 19.69 -29.04
C ARG C 285 -0.46 20.05 -30.30
N THR C 286 -1.76 20.32 -30.12
CA THR C 286 -2.65 20.72 -31.22
C THR C 286 -2.90 22.23 -31.18
N GLY C 287 -2.36 22.93 -32.19
CA GLY C 287 -2.50 24.38 -32.30
C GLY C 287 -1.87 25.11 -31.12
N ASP C 288 -2.73 25.74 -30.32
CA ASP C 288 -2.30 26.46 -29.10
C ASP C 288 -2.71 25.71 -27.80
N VAL C 289 -3.29 24.53 -27.96
CA VAL C 289 -3.70 23.67 -26.85
C VAL C 289 -2.55 22.73 -26.47
N VAL C 290 -2.18 22.75 -25.18
CA VAL C 290 -1.17 21.83 -24.62
C VAL C 290 -1.78 21.07 -23.44
N GLU C 291 -1.69 19.73 -23.49
CA GLU C 291 -2.18 18.85 -22.44
C GLU C 291 -1.17 17.74 -22.15
N THR C 292 -0.93 17.49 -20.86
CA THR C 292 0.04 16.46 -20.43
C THR C 292 -0.66 15.39 -19.58
N PHE C 293 -0.24 14.14 -19.78
CA PHE C 293 -0.82 13.00 -19.07
C PHE C 293 0.27 12.14 -18.43
N ILE C 294 0.24 12.05 -17.10
CA ILE C 294 1.12 11.14 -16.36
C ILE C 294 0.50 9.75 -16.42
N LEU C 295 1.27 8.79 -16.92
CA LEU C 295 0.82 7.40 -16.97
C LEU C 295 1.62 6.59 -15.96
N HIS C 296 0.91 5.78 -15.17
CA HIS C 296 1.49 4.98 -14.09
C HIS C 296 1.29 3.50 -14.42
N SER C 297 2.40 2.82 -14.72
CA SER C 297 2.38 1.41 -15.12
C SER C 297 2.22 0.44 -13.98
N SER C 298 1.85 -0.79 -14.36
CA SER C 298 1.88 -1.98 -13.53
C SER C 298 3.30 -2.29 -13.03
N SER C 299 4.27 -2.28 -13.94
CA SER C 299 5.65 -2.69 -13.69
C SER C 299 6.65 -1.84 -14.50
N PRO C 300 7.96 -1.89 -14.15
CA PRO C 300 8.98 -1.18 -14.95
C PRO C 300 9.18 -1.72 -16.37
N SER C 301 8.85 -2.99 -16.59
CA SER C 301 8.93 -3.62 -17.92
C SER C 301 7.86 -3.11 -18.89
N VAL C 302 6.68 -2.77 -18.36
CA VAL C 302 5.58 -2.19 -19.15
C VAL C 302 5.97 -0.76 -19.62
N ARG C 303 6.53 0.02 -18.70
CA ARG C 303 7.04 1.36 -19.00
C ARG C 303 8.10 1.31 -20.11
N GLN C 304 9.05 0.39 -19.95
CA GLN C 304 10.14 0.20 -20.93
C GLN C 304 9.65 -0.28 -22.30
N THR C 305 8.63 -1.16 -22.30
CA THR C 305 7.97 -1.60 -23.53
C THR C 305 7.30 -0.41 -24.23
N TRP C 306 6.59 0.41 -23.45
CA TRP C 306 5.86 1.57 -24.00
C TRP C 306 6.76 2.69 -24.53
N ILE C 307 7.82 3.01 -23.79
CA ILE C 307 8.77 4.06 -24.16
C ILE C 307 9.52 3.70 -25.44
N HIS C 308 9.99 2.45 -25.53
CA HIS C 308 10.68 1.92 -26.72
C HIS C 308 9.79 1.99 -27.98
N GLU C 309 8.50 1.66 -27.80
CA GLU C 309 7.53 1.68 -28.86
C GLU C 309 7.10 3.10 -29.28
N ILE C 310 6.86 3.98 -28.29
CA ILE C 310 6.54 5.39 -28.58
C ILE C 310 7.72 6.12 -29.26
N ASN C 311 8.96 5.80 -28.86
CA ASN C 311 10.17 6.34 -29.50
C ASN C 311 10.33 5.89 -30.95
N GLN C 312 10.01 4.62 -31.22
CA GLN C 312 10.07 4.01 -32.55
C GLN C 312 9.17 4.75 -33.56
N ILE C 313 7.94 5.05 -33.15
CA ILE C 313 6.95 5.70 -34.04
C ILE C 313 7.13 7.20 -34.18
N LEU C 314 7.68 7.84 -33.14
CA LEU C 314 8.00 9.26 -33.21
C LEU C 314 9.21 9.52 -34.11
N GLU C 315 10.15 8.58 -34.12
CA GLU C 315 11.32 8.64 -35.01
C GLU C 315 10.98 8.32 -36.48
N ASN C 316 9.76 7.83 -36.72
CA ASN C 316 9.19 7.73 -38.07
C ASN C 316 8.52 9.07 -38.43
N GLN C 317 7.43 9.39 -37.72
CA GLN C 317 6.72 10.68 -37.80
C GLN C 317 5.87 10.96 -36.56
#